data_7NUB
#
_entry.id   7NUB
#
_cell.length_a   49.309
_cell.length_b   81.748
_cell.length_c   217.950
_cell.angle_alpha   90.000
_cell.angle_beta   90.000
_cell.angle_gamma   90.000
#
_symmetry.space_group_name_H-M   'P 21 21 21'
#
loop_
_entity.id
_entity.type
_entity.pdbx_description
1 polymer 'Leucine--tRNA ligase'
2 non-polymer '[[(2~{R},3~{S},4~{R},5~{R})-5-(6-aminopurin-9-yl)-3,4-bis(oxidanyl)oxolan-2-yl]methoxy-oxidanyl-phosphoryl] (2~{S})-2-azanyl-4-methyl-pentanoate'
3 non-polymer 'ZINC ION'
4 non-polymer 'MAGNESIUM ION'
5 water water
#
_entity_poly.entity_id   1
_entity_poly.type   'polypeptide(L)'
_entity_poly.pdbx_seq_one_letter_code
;GMQEHYQPAAIEPAAQKKWDDARISNVSEDASKPKYYCLSMFPYPSGKLHMGHVRNYTIGDVLSRFKLLNGFNVMQPMGW
DAFGMPAENAAMKNNVAPAAWTYDNIEYMKTQLKSLGFAVDWEREVATCKPEYYRWEQWLFTKLFEKGIVYRKNGTVNWD
PVDQTVLANEQVIDGRGWRSGALIEKREIPMYYFKITDYAEELLNDLDKLEHWPEQVKTMQRNWIGKSRGMTVRFAVSDD
SKQGLEGDYAKFLQVYTTRPDTLMGATYVAVAAEHPLATAAAADKPELQAFIAECKAGSVAEADMATMEKKGVPTGRYVV
NPLNGDKLEVWIANYVLWGYGDGAVMAVPAHDERDFEFAAKYNLPKKQVIAVGDNAFDANRWQEWYGDKENGVLVNSGDL
DGLDFQTAFDAVAAKLQSQGAGEPKTQYRLRDWGISRQRYWGCPIPIVHCEKCGNVPVPADQLPVVLPENVVPDGMGSPL
AKMPEFYETSCPCCGGAAKRETDTMDTFIESSWYFFRYMSPKFSDGMVSAESAKYWGAVDQYIGGIEHAIGHLLYARFFT
KLMRDEGLVNVDEPFERLLTQGMVVCETYYRENDKGGKDWINPADVELTFDDKGRPVSAVLKADGLPVVISGTEKMSKSK
NNGVDPQELINAYGADTARLFMMFAAPPEQSLEWSDSGVEGAHRFLRRLWRTVYEYLKQGGAVKAFAGNQDGLSKELKDL
RHKLHSTTAKVSDDYGRRQQFNTAIAAVMELLNQYDKTDTGSEQGRAVAQEVLEAAVRLLWPIVPHICETLWSELNGAKL
WEAGWPTVDEAALVKSEIEVMVQVNGKLRGKITVAADASKADLEAAALANEGAVKFMEGKPAKKIIVVPGRLVNIVV
;
_entity_poly.pdbx_strand_id   A
#
loop_
_chem_comp.id
_chem_comp.type
_chem_comp.name
_chem_comp.formula
MG non-polymer 'MAGNESIUM ION' 'Mg 2'
USB non-polymer '[[(2~{R},3~{S},4~{R},5~{R})-5-(6-aminopurin-9-yl)-3,4-bis(oxidanyl)oxolan-2-yl]methoxy-oxidanyl-phosphoryl] (2~{S})-2-azanyl-4-methyl-pentanoate' 'C16 H25 N6 O8 P'
ZN non-polymer 'ZINC ION' 'Zn 2'
#
# COMPACT_ATOMS: atom_id res chain seq x y z
N MET A 2 -30.00 -20.73 31.39
CA MET A 2 -28.74 -20.88 30.67
C MET A 2 -28.36 -22.34 30.52
N GLN A 3 -28.13 -22.77 29.29
CA GLN A 3 -27.77 -24.16 29.02
C GLN A 3 -26.39 -24.47 29.57
N GLU A 4 -26.19 -25.74 29.95
CA GLU A 4 -24.91 -26.16 30.51
C GLU A 4 -23.83 -26.31 29.43
N HIS A 5 -24.22 -26.65 28.21
CA HIS A 5 -23.26 -26.87 27.13
C HIS A 5 -23.05 -25.61 26.33
N TYR A 6 -21.81 -25.40 25.87
CA TYR A 6 -21.46 -24.28 25.00
C TYR A 6 -21.77 -24.69 23.57
N GLN A 7 -22.86 -24.18 23.02
CA GLN A 7 -23.32 -24.50 21.67
C GLN A 7 -23.16 -23.28 20.78
N PRO A 8 -22.05 -23.15 20.07
CA PRO A 8 -21.89 -21.99 19.16
C PRO A 8 -22.92 -21.95 18.06
N ALA A 9 -23.45 -23.10 17.64
CA ALA A 9 -24.44 -23.11 16.57
C ALA A 9 -25.75 -22.45 16.98
N ALA A 10 -26.00 -22.29 18.27
CA ALA A 10 -27.21 -21.63 18.75
C ALA A 10 -26.93 -20.22 19.25
N ILE A 11 -25.78 -19.99 19.89
CA ILE A 11 -25.52 -18.67 20.48
C ILE A 11 -25.05 -17.67 19.42
N GLU A 12 -24.41 -18.13 18.35
CA GLU A 12 -23.79 -17.21 17.40
C GLU A 12 -24.80 -16.64 16.40
N PRO A 13 -25.65 -17.46 15.76
CA PRO A 13 -26.67 -16.88 14.89
C PRO A 13 -27.69 -16.03 15.63
N ALA A 14 -28.00 -16.38 16.88
CA ALA A 14 -28.92 -15.58 17.67
C ALA A 14 -28.30 -14.23 18.05
N ALA A 15 -27.01 -14.24 18.40
CA ALA A 15 -26.35 -12.98 18.74
C ALA A 15 -26.19 -12.09 17.52
N GLN A 16 -25.90 -12.68 16.36
CA GLN A 16 -25.80 -11.91 15.13
C GLN A 16 -27.12 -11.22 14.80
N LYS A 17 -28.24 -11.93 14.98
CA LYS A 17 -29.55 -11.33 14.77
C LYS A 17 -29.82 -10.24 15.79
N LYS A 18 -29.37 -10.44 17.03
CA LYS A 18 -29.53 -9.41 18.05
C LYS A 18 -28.78 -8.14 17.68
N TRP A 19 -27.57 -8.29 17.14
CA TRP A 19 -26.80 -7.13 16.68
C TRP A 19 -27.44 -6.51 15.44
N ASP A 20 -27.91 -7.34 14.51
CA ASP A 20 -28.52 -6.82 13.29
C ASP A 20 -29.81 -6.07 13.60
N ASP A 21 -30.66 -6.63 14.47
CA ASP A 21 -31.89 -5.95 14.84
C ASP A 21 -31.62 -4.62 15.53
N ALA A 22 -30.56 -4.57 16.35
CA ALA A 22 -30.20 -3.32 17.02
C ALA A 22 -29.58 -2.31 16.05
N ARG A 23 -29.01 -2.78 14.93
CA ARG A 23 -28.39 -1.91 13.94
C ARG A 23 -27.30 -1.03 14.57
N ILE A 24 -26.46 -1.65 15.40
CA ILE A 24 -25.40 -0.91 16.08
C ILE A 24 -24.23 -0.57 15.16
N SER A 25 -24.16 -1.17 13.96
CA SER A 25 -23.09 -0.89 13.03
C SER A 25 -23.49 0.06 11.92
N ASN A 26 -24.78 0.17 11.62
CA ASN A 26 -25.26 1.08 10.58
C ASN A 26 -25.23 2.49 11.13
N VAL A 27 -24.17 3.23 10.83
CA VAL A 27 -23.93 4.54 11.42
C VAL A 27 -24.20 5.63 10.39
N SER A 28 -24.63 6.79 10.88
CA SER A 28 -24.79 8.00 10.09
C SER A 28 -23.85 9.06 10.66
N GLU A 29 -23.95 10.28 10.12
CA GLU A 29 -23.09 11.38 10.56
C GLU A 29 -23.56 11.94 11.89
N ASP A 30 -23.75 11.07 12.89
CA ASP A 30 -24.20 11.49 14.21
C ASP A 30 -23.17 12.39 14.88
N ALA A 31 -23.52 13.66 15.09
CA ALA A 31 -22.60 14.63 15.66
C ALA A 31 -22.43 14.47 17.17
N SER A 32 -23.25 13.65 17.83
CA SER A 32 -23.15 13.50 19.27
C SER A 32 -21.88 12.76 19.66
N LYS A 33 -21.59 11.65 18.99
CA LYS A 33 -20.44 10.82 19.30
C LYS A 33 -19.25 11.18 18.41
N PRO A 34 -18.04 10.91 18.86
CA PRO A 34 -16.87 11.09 17.99
C PRO A 34 -16.73 9.95 17.00
N LYS A 35 -16.25 10.29 15.81
CA LYS A 35 -16.17 9.33 14.73
C LYS A 35 -14.93 8.45 14.86
N TYR A 36 -15.03 7.24 14.32
CA TYR A 36 -13.89 6.32 14.24
C TYR A 36 -14.05 5.50 12.98
N TYR A 37 -13.24 5.81 11.97
CA TYR A 37 -13.29 5.13 10.67
C TYR A 37 -12.20 4.07 10.67
N CYS A 38 -12.60 2.82 10.89
CA CYS A 38 -11.69 1.67 10.86
C CYS A 38 -11.94 0.90 9.57
N LEU A 39 -10.88 0.70 8.78
CA LEU A 39 -11.00 0.12 7.45
C LEU A 39 -10.01 -1.02 7.29
N SER A 40 -10.50 -2.16 6.80
CA SER A 40 -9.66 -3.27 6.40
C SER A 40 -9.67 -3.36 4.87
N MET A 41 -8.52 -3.72 4.30
CA MET A 41 -8.39 -3.78 2.85
C MET A 41 -9.40 -4.77 2.27
N PHE A 42 -10.21 -4.29 1.37
CA PHE A 42 -11.35 -5.01 0.85
C PHE A 42 -10.93 -6.00 -0.25
N PRO A 43 -11.52 -7.20 -0.27
CA PRO A 43 -10.88 -8.33 -0.94
C PRO A 43 -11.18 -8.39 -2.43
N TYR A 44 -10.35 -9.15 -3.11
CA TYR A 44 -10.56 -9.52 -4.51
C TYR A 44 -11.50 -10.72 -4.58
N PRO A 45 -12.61 -10.64 -5.32
CA PRO A 45 -13.44 -11.84 -5.52
C PRO A 45 -12.79 -12.86 -6.44
N SER A 46 -11.66 -13.43 -6.01
CA SER A 46 -10.95 -14.45 -6.78
C SER A 46 -11.23 -15.85 -6.26
N GLY A 47 -12.24 -16.02 -5.45
CA GLY A 47 -12.62 -17.31 -4.93
C GLY A 47 -13.13 -17.18 -3.52
N LYS A 48 -13.01 -18.28 -2.78
CA LYS A 48 -13.42 -18.29 -1.38
C LYS A 48 -12.34 -17.67 -0.50
N LEU A 49 -12.78 -16.89 0.49
CA LEU A 49 -11.86 -16.38 1.49
C LEU A 49 -11.31 -17.54 2.32
N HIS A 50 -10.14 -17.32 2.91
CA HIS A 50 -9.53 -18.29 3.81
C HIS A 50 -9.21 -17.61 5.13
N MET A 51 -8.61 -18.36 6.05
CA MET A 51 -8.34 -17.86 7.38
C MET A 51 -7.32 -16.72 7.37
N GLY A 52 -6.57 -16.57 6.29
CA GLY A 52 -5.67 -15.42 6.18
C GLY A 52 -6.42 -14.11 6.13
N HIS A 53 -7.45 -14.04 5.27
CA HIS A 53 -8.31 -12.86 5.26
C HIS A 53 -9.05 -12.71 6.58
N VAL A 54 -9.39 -13.83 7.22
CA VAL A 54 -10.15 -13.79 8.48
C VAL A 54 -9.34 -13.07 9.55
N ARG A 55 -8.02 -13.30 9.58
CA ARG A 55 -7.18 -12.60 10.54
C ARG A 55 -7.18 -11.10 10.28
N ASN A 56 -7.04 -10.72 9.00
CA ASN A 56 -7.07 -9.30 8.64
C ASN A 56 -8.36 -8.63 9.12
N TYR A 57 -9.50 -9.22 8.78
CA TYR A 57 -10.79 -8.60 9.09
C TYR A 57 -11.16 -8.75 10.56
N THR A 58 -10.59 -9.73 11.26
CA THR A 58 -10.81 -9.83 12.70
C THR A 58 -10.03 -8.76 13.46
N ILE A 59 -8.78 -8.52 13.04
CA ILE A 59 -7.97 -7.47 13.66
C ILE A 59 -8.68 -6.12 13.54
N GLY A 60 -9.32 -5.86 12.39
CA GLY A 60 -10.11 -4.65 12.26
C GLY A 60 -11.37 -4.67 13.10
N ASP A 61 -11.99 -5.85 13.26
CA ASP A 61 -13.20 -5.93 14.07
C ASP A 61 -12.89 -5.74 15.55
N VAL A 62 -11.77 -6.28 16.02
CA VAL A 62 -11.38 -6.10 17.42
C VAL A 62 -11.19 -4.63 17.72
N LEU A 63 -10.59 -3.88 16.79
CA LEU A 63 -10.40 -2.45 16.99
C LEU A 63 -11.72 -1.70 16.89
N SER A 64 -12.59 -2.10 15.96
CA SER A 64 -13.86 -1.42 15.79
C SER A 64 -14.77 -1.64 16.99
N ARG A 65 -14.86 -2.89 17.46
CA ARG A 65 -15.70 -3.17 18.62
C ARG A 65 -15.13 -2.56 19.89
N PHE A 66 -13.81 -2.44 19.98
CA PHE A 66 -13.19 -1.83 21.16
C PHE A 66 -13.55 -0.35 21.26
N LYS A 67 -13.39 0.39 20.16
CA LYS A 67 -13.75 1.80 20.18
C LYS A 67 -15.25 1.99 20.33
N LEU A 68 -16.05 1.09 19.76
CA LEU A 68 -17.51 1.16 19.91
C LEU A 68 -17.91 1.08 21.37
N LEU A 69 -17.27 0.18 22.13
CA LEU A 69 -17.56 0.05 23.55
C LEU A 69 -17.18 1.29 24.34
N ASN A 70 -16.33 2.16 23.77
CA ASN A 70 -15.89 3.38 24.42
C ASN A 70 -16.64 4.61 23.92
N GLY A 71 -17.86 4.43 23.40
CA GLY A 71 -18.66 5.55 22.94
C GLY A 71 -18.12 6.24 21.70
N PHE A 72 -17.83 5.45 20.65
CA PHE A 72 -17.32 5.98 19.40
C PHE A 72 -18.30 5.66 18.28
N ASN A 73 -18.51 6.63 17.39
CA ASN A 73 -19.28 6.40 16.17
C ASN A 73 -18.36 5.69 15.18
N VAL A 74 -18.45 4.35 15.17
CA VAL A 74 -17.48 3.54 14.37
C VAL A 74 -18.01 3.17 12.99
N MET A 75 -17.23 3.45 11.94
CA MET A 75 -17.60 3.01 10.58
C MET A 75 -16.63 1.92 10.16
N GLN A 76 -17.06 0.65 10.20
CA GLN A 76 -16.20 -0.44 9.68
C GLN A 76 -16.88 -0.97 8.42
N PRO A 77 -16.55 -0.48 7.22
CA PRO A 77 -17.24 -0.88 6.01
C PRO A 77 -16.59 -2.06 5.27
N MET A 78 -17.39 -2.78 4.49
CA MET A 78 -16.83 -3.91 3.70
C MET A 78 -17.32 -3.84 2.26
N GLY A 79 -16.39 -3.99 1.31
CA GLY A 79 -16.70 -3.92 -0.11
C GLY A 79 -16.03 -5.03 -0.90
N TRP A 80 -16.01 -4.93 -2.23
CA TRP A 80 -15.49 -6.00 -3.10
C TRP A 80 -14.66 -5.40 -4.22
N ASP A 81 -13.40 -5.84 -4.34
CA ASP A 81 -12.48 -5.31 -5.37
C ASP A 81 -12.72 -6.09 -6.65
N ALA A 82 -13.84 -5.77 -7.29
CA ALA A 82 -14.41 -6.67 -8.27
C ALA A 82 -13.72 -6.59 -9.63
N PHE A 83 -13.27 -5.41 -10.03
CA PHE A 83 -12.66 -5.29 -11.34
C PHE A 83 -11.24 -5.84 -11.32
N GLY A 84 -10.64 -5.93 -12.51
CA GLY A 84 -9.26 -6.30 -12.65
C GLY A 84 -9.06 -7.78 -12.92
N MET A 85 -7.79 -8.17 -12.88
CA MET A 85 -7.33 -9.52 -13.20
C MET A 85 -7.64 -10.56 -12.13
N PRO A 86 -7.53 -10.27 -10.83
CA PRO A 86 -7.83 -11.31 -9.83
C PRO A 86 -9.15 -12.02 -10.02
N ALA A 87 -10.23 -11.28 -10.30
CA ALA A 87 -11.52 -11.91 -10.52
C ALA A 87 -11.65 -12.48 -11.93
N GLU A 88 -11.15 -11.74 -12.93
CA GLU A 88 -11.31 -12.18 -14.31
C GLU A 88 -10.53 -13.46 -14.58
N ASN A 89 -9.34 -13.59 -13.99
CA ASN A 89 -8.57 -14.82 -14.17
C ASN A 89 -9.25 -16.01 -13.51
N ALA A 90 -9.87 -15.79 -12.34
CA ALA A 90 -10.63 -16.85 -11.68
C ALA A 90 -11.85 -17.23 -12.51
N ALA A 91 -12.47 -16.25 -13.16
CA ALA A 91 -13.62 -16.54 -14.02
C ALA A 91 -13.21 -17.36 -15.23
N MET A 92 -12.09 -17.01 -15.87
CA MET A 92 -11.62 -17.76 -17.02
C MET A 92 -11.12 -19.14 -16.60
N LYS A 93 -10.47 -19.24 -15.43
CA LYS A 93 -9.99 -20.53 -14.95
C LYS A 93 -11.16 -21.48 -14.69
N ASN A 94 -12.30 -20.96 -14.26
CA ASN A 94 -13.51 -21.75 -14.08
C ASN A 94 -14.40 -21.73 -15.32
N ASN A 95 -13.98 -21.05 -16.38
CA ASN A 95 -14.73 -20.96 -17.64
C ASN A 95 -16.12 -20.37 -17.40
N VAL A 96 -16.15 -19.21 -16.72
CA VAL A 96 -17.37 -18.48 -16.44
C VAL A 96 -17.18 -17.03 -16.87
N ALA A 97 -18.29 -16.39 -17.23
CA ALA A 97 -18.24 -14.97 -17.57
C ALA A 97 -17.79 -14.17 -16.34
N PRO A 98 -16.93 -13.16 -16.53
CA PRO A 98 -16.42 -12.42 -15.36
C PRO A 98 -17.51 -11.80 -14.51
N ALA A 99 -18.54 -11.22 -15.12
CA ALA A 99 -19.60 -10.58 -14.33
C ALA A 99 -20.34 -11.60 -13.47
N ALA A 100 -20.66 -12.76 -14.03
CA ALA A 100 -21.36 -13.79 -13.27
C ALA A 100 -20.48 -14.34 -12.15
N TRP A 101 -19.24 -14.70 -12.47
CA TRP A 101 -18.35 -15.27 -11.47
C TRP A 101 -18.08 -14.29 -10.34
N THR A 102 -17.97 -12.99 -10.67
CA THR A 102 -17.72 -11.98 -9.64
C THR A 102 -18.91 -11.86 -8.70
N TYR A 103 -20.11 -11.69 -9.25
CA TYR A 103 -21.28 -11.42 -8.43
C TYR A 103 -21.66 -12.61 -7.57
N ASP A 104 -21.51 -13.83 -8.10
CA ASP A 104 -21.84 -15.01 -7.31
C ASP A 104 -20.83 -15.25 -6.20
N ASN A 105 -19.56 -14.91 -6.43
CA ASN A 105 -18.57 -15.01 -5.36
C ASN A 105 -18.67 -13.85 -4.39
N ILE A 106 -19.17 -12.69 -4.85
CA ILE A 106 -19.41 -11.57 -3.94
C ILE A 106 -20.45 -11.96 -2.90
N GLU A 107 -21.51 -12.65 -3.31
CA GLU A 107 -22.56 -13.05 -2.39
C GLU A 107 -22.18 -14.25 -1.55
N TYR A 108 -21.19 -15.04 -1.97
CA TYR A 108 -20.68 -16.10 -1.09
C TYR A 108 -19.72 -15.53 -0.05
N MET A 109 -18.85 -14.61 -0.47
CA MET A 109 -17.94 -13.98 0.48
C MET A 109 -18.69 -13.10 1.47
N LYS A 110 -19.84 -12.56 1.07
CA LYS A 110 -20.64 -11.77 2.01
C LYS A 110 -21.25 -12.65 3.09
N THR A 111 -21.68 -13.86 2.72
CA THR A 111 -22.17 -14.81 3.71
C THR A 111 -21.05 -15.46 4.50
N GLN A 112 -19.84 -15.51 3.94
CA GLN A 112 -18.70 -15.99 4.71
C GLN A 112 -18.34 -15.03 5.84
N LEU A 113 -18.38 -13.73 5.57
CA LEU A 113 -18.05 -12.73 6.58
C LEU A 113 -19.15 -12.54 7.59
N LYS A 114 -20.41 -12.65 7.16
CA LYS A 114 -21.53 -12.51 8.10
C LYS A 114 -21.60 -13.69 9.07
N SER A 115 -21.08 -14.85 8.68
CA SER A 115 -21.03 -15.98 9.61
C SER A 115 -20.05 -15.70 10.75
N LEU A 116 -18.94 -15.01 10.46
CA LEU A 116 -17.98 -14.65 11.48
C LEU A 116 -18.46 -13.51 12.38
N GLY A 117 -19.56 -12.85 12.03
CA GLY A 117 -20.14 -11.84 12.88
C GLY A 117 -19.29 -10.61 13.09
N PHE A 118 -18.84 -9.99 12.00
CA PHE A 118 -18.10 -8.75 12.09
C PHE A 118 -19.07 -7.57 12.22
N ALA A 119 -18.61 -6.53 12.93
CA ALA A 119 -19.41 -5.32 13.13
C ALA A 119 -19.24 -4.43 11.91
N VAL A 120 -19.91 -4.80 10.83
CA VAL A 120 -19.78 -4.14 9.54
C VAL A 120 -21.07 -3.39 9.23
N ASP A 121 -20.93 -2.15 8.74
CA ASP A 121 -22.05 -1.39 8.22
C ASP A 121 -22.33 -1.87 6.80
N TRP A 122 -23.11 -2.95 6.71
CA TRP A 122 -23.40 -3.57 5.42
C TRP A 122 -24.28 -2.69 4.53
N GLU A 123 -24.90 -1.65 5.08
CA GLU A 123 -25.64 -0.71 4.25
C GLU A 123 -24.72 0.18 3.43
N ARG A 124 -23.42 0.21 3.75
CA ARG A 124 -22.43 0.94 2.97
C ARG A 124 -21.65 0.03 2.03
N GLU A 125 -22.14 -1.19 1.79
CA GLU A 125 -21.44 -2.15 0.96
C GLU A 125 -21.32 -1.62 -0.47
N VAL A 126 -20.17 -1.89 -1.10
CA VAL A 126 -19.84 -1.34 -2.40
C VAL A 126 -19.22 -2.43 -3.27
N ALA A 127 -19.62 -2.47 -4.54
CA ALA A 127 -18.99 -3.31 -5.54
C ALA A 127 -18.37 -2.40 -6.60
N THR A 128 -17.05 -2.53 -6.79
CA THR A 128 -16.34 -1.64 -7.71
C THR A 128 -16.78 -1.83 -9.15
N CYS A 129 -17.25 -3.03 -9.50
CA CYS A 129 -17.66 -3.29 -10.87
C CYS A 129 -19.04 -2.72 -11.21
N LYS A 130 -19.75 -2.15 -10.23
CA LYS A 130 -21.06 -1.59 -10.52
C LYS A 130 -20.92 -0.24 -11.20
N PRO A 131 -21.74 0.03 -12.23
CA PRO A 131 -21.63 1.32 -12.93
C PRO A 131 -21.87 2.52 -12.05
N GLU A 132 -22.71 2.38 -11.02
CA GLU A 132 -22.89 3.48 -10.07
C GLU A 132 -21.64 3.77 -9.26
N TYR A 133 -20.60 2.93 -9.36
CA TYR A 133 -19.32 3.20 -8.73
C TYR A 133 -18.29 3.72 -9.73
N TYR A 134 -17.96 2.93 -10.75
CA TYR A 134 -16.86 3.29 -11.64
C TYR A 134 -17.18 4.47 -12.54
N ARG A 135 -18.39 5.04 -12.47
CA ARG A 135 -18.68 6.24 -13.24
C ARG A 135 -17.90 7.43 -12.71
N TRP A 136 -17.56 7.43 -11.42
CA TRP A 136 -16.92 8.58 -10.80
C TRP A 136 -15.41 8.58 -10.98
N GLU A 137 -14.78 7.42 -11.12
CA GLU A 137 -13.40 7.39 -11.56
C GLU A 137 -13.29 7.66 -13.06
N GLN A 138 -14.35 7.35 -13.81
CA GLN A 138 -14.45 7.84 -15.18
C GLN A 138 -14.60 9.35 -15.20
N TRP A 139 -15.37 9.90 -14.26
CA TRP A 139 -15.54 11.35 -14.16
C TRP A 139 -14.21 12.02 -13.83
N LEU A 140 -13.53 11.53 -12.80
CA LEU A 140 -12.22 12.07 -12.44
C LEU A 140 -11.21 11.88 -13.58
N PHE A 141 -11.35 10.78 -14.34
CA PHE A 141 -10.46 10.55 -15.47
C PHE A 141 -10.59 11.67 -16.51
N THR A 142 -11.82 12.04 -16.85
CA THR A 142 -12.03 13.07 -17.88
C THR A 142 -11.58 14.43 -17.39
N LYS A 143 -11.85 14.76 -16.12
CA LYS A 143 -11.46 16.07 -15.60
C LYS A 143 -9.95 16.20 -15.50
N LEU A 144 -9.26 15.12 -15.13
CA LEU A 144 -7.80 15.13 -15.11
C LEU A 144 -7.21 15.04 -16.51
N PHE A 145 -7.95 14.49 -17.47
CA PHE A 145 -7.46 14.46 -18.85
C PHE A 145 -7.38 15.86 -19.44
N GLU A 146 -8.36 16.70 -19.15
CA GLU A 146 -8.32 18.08 -19.62
C GLU A 146 -7.13 18.82 -19.02
N LYS A 147 -6.87 18.62 -17.74
CA LYS A 147 -5.75 19.27 -17.06
C LYS A 147 -4.40 18.70 -17.47
N GLY A 148 -4.36 17.69 -18.32
CA GLY A 148 -3.12 17.06 -18.71
C GLY A 148 -2.50 16.16 -17.67
N ILE A 149 -3.12 16.04 -16.49
CA ILE A 149 -2.59 15.14 -15.47
C ILE A 149 -2.73 13.69 -15.92
N VAL A 150 -3.80 13.38 -16.64
CA VAL A 150 -3.92 12.12 -17.36
C VAL A 150 -3.59 12.40 -18.82
N TYR A 151 -2.64 11.66 -19.37
CA TYR A 151 -2.19 11.87 -20.74
C TYR A 151 -1.96 10.54 -21.42
N ARG A 152 -2.12 10.55 -22.75
CA ARG A 152 -1.87 9.39 -23.59
C ARG A 152 -0.55 9.58 -24.32
N LYS A 153 0.30 8.55 -24.30
CA LYS A 153 1.58 8.62 -24.98
C LYS A 153 2.08 7.21 -25.26
N ASN A 154 2.84 7.09 -26.34
CA ASN A 154 3.53 5.85 -26.66
C ASN A 154 4.89 5.82 -25.97
N GLY A 155 5.42 4.62 -25.77
CA GLY A 155 6.70 4.46 -25.12
C GLY A 155 6.95 3.00 -24.81
N THR A 156 8.04 2.77 -24.06
CA THR A 156 8.43 1.44 -23.65
C THR A 156 7.69 1.06 -22.37
N VAL A 157 7.02 -0.09 -22.41
CA VAL A 157 6.15 -0.52 -21.32
C VAL A 157 6.49 -1.96 -20.94
N ASN A 158 6.13 -2.32 -19.71
CA ASN A 158 6.22 -3.70 -19.28
C ASN A 158 5.06 -4.48 -19.88
N TRP A 159 5.36 -5.64 -20.46
CA TRP A 159 4.37 -6.46 -21.13
C TRP A 159 4.32 -7.85 -20.50
N ASP A 160 3.12 -8.31 -20.17
CA ASP A 160 2.92 -9.64 -19.65
C ASP A 160 2.51 -10.57 -20.77
N PRO A 161 3.26 -11.64 -21.07
CA PRO A 161 2.89 -12.52 -22.18
C PRO A 161 1.75 -13.46 -21.84
N VAL A 162 1.67 -13.89 -20.58
CA VAL A 162 0.61 -14.80 -20.16
C VAL A 162 -0.69 -14.04 -19.94
N ASP A 163 -0.66 -13.04 -19.06
CA ASP A 163 -1.84 -12.21 -18.85
C ASP A 163 -2.21 -11.38 -20.07
N GLN A 164 -1.30 -11.29 -21.05
CA GLN A 164 -1.58 -10.64 -22.35
C GLN A 164 -2.03 -9.19 -22.15
N THR A 165 -1.30 -8.47 -21.32
CA THR A 165 -1.58 -7.06 -21.08
C THR A 165 -0.33 -6.39 -20.55
N VAL A 166 -0.33 -5.06 -20.62
CA VAL A 166 0.77 -4.28 -20.06
C VAL A 166 0.56 -4.08 -18.57
N LEU A 167 1.65 -3.83 -17.85
CA LEU A 167 1.62 -3.70 -16.41
C LEU A 167 2.32 -2.42 -15.98
N ALA A 168 1.90 -1.89 -14.84
CA ALA A 168 2.61 -0.78 -14.22
C ALA A 168 3.89 -1.29 -13.55
N ASN A 169 4.78 -0.36 -13.23
CA ASN A 169 6.05 -0.74 -12.62
C ASN A 169 5.86 -1.40 -11.27
N GLU A 170 4.84 -0.97 -10.52
CA GLU A 170 4.57 -1.54 -9.20
C GLU A 170 3.89 -2.89 -9.26
N GLN A 171 3.35 -3.29 -10.42
CA GLN A 171 2.81 -4.62 -10.61
C GLN A 171 3.84 -5.62 -11.12
N VAL A 172 5.10 -5.19 -11.27
CA VAL A 172 6.18 -6.06 -11.73
C VAL A 172 7.02 -6.41 -10.51
N ILE A 173 6.89 -7.64 -10.04
CA ILE A 173 7.58 -8.10 -8.83
C ILE A 173 8.74 -8.98 -9.26
N ASP A 174 9.97 -8.50 -9.03
CA ASP A 174 11.18 -9.23 -9.38
C ASP A 174 11.21 -9.59 -10.87
N GLY A 175 10.89 -8.61 -11.71
CA GLY A 175 10.84 -8.82 -13.13
C GLY A 175 9.72 -9.70 -13.62
N ARG A 176 8.77 -10.06 -12.76
CA ARG A 176 7.69 -10.96 -13.11
C ARG A 176 6.35 -10.33 -12.77
N GLY A 177 5.28 -10.89 -13.32
CA GLY A 177 3.96 -10.32 -13.14
C GLY A 177 3.38 -10.62 -11.78
N TRP A 178 2.60 -9.66 -11.28
CA TRP A 178 2.05 -9.78 -9.93
C TRP A 178 1.03 -10.91 -9.83
N ARG A 179 0.28 -11.18 -10.90
CA ARG A 179 -0.71 -12.26 -10.89
C ARG A 179 -0.23 -13.50 -11.61
N SER A 180 0.65 -13.36 -12.59
CA SER A 180 1.03 -14.49 -13.44
C SER A 180 2.35 -15.13 -13.05
N GLY A 181 3.32 -14.35 -12.58
CA GLY A 181 4.65 -14.85 -12.33
C GLY A 181 5.49 -15.04 -13.57
N ALA A 182 4.94 -14.81 -14.75
CA ALA A 182 5.71 -14.91 -15.98
C ALA A 182 6.64 -13.71 -16.12
N LEU A 183 7.77 -13.93 -16.78
CA LEU A 183 8.76 -12.88 -16.94
C LEU A 183 8.23 -11.77 -17.84
N ILE A 184 8.48 -10.53 -17.44
CA ILE A 184 7.96 -9.37 -18.15
C ILE A 184 8.83 -9.06 -19.36
N GLU A 185 8.18 -8.74 -20.48
CA GLU A 185 8.85 -8.29 -21.68
C GLU A 185 8.62 -6.79 -21.86
N LYS A 186 9.40 -6.19 -22.76
CA LYS A 186 9.31 -4.77 -23.07
C LYS A 186 8.75 -4.60 -24.48
N ARG A 187 7.76 -3.72 -24.62
CA ARG A 187 7.15 -3.43 -25.90
C ARG A 187 6.95 -1.92 -26.04
N GLU A 188 6.61 -1.50 -27.25
CA GLU A 188 6.29 -0.11 -27.55
C GLU A 188 4.79 -0.03 -27.81
N ILE A 189 4.03 0.34 -26.78
CA ILE A 189 2.58 0.37 -26.86
C ILE A 189 2.06 1.68 -26.27
N PRO A 190 1.16 2.39 -26.95
CA PRO A 190 0.59 3.62 -26.37
C PRO A 190 -0.29 3.29 -25.18
N MET A 191 -0.15 4.09 -24.13
CA MET A 191 -0.88 3.89 -22.88
C MET A 191 -1.38 5.22 -22.35
N TYR A 192 -2.31 5.14 -21.40
CA TYR A 192 -2.77 6.29 -20.65
C TYR A 192 -2.05 6.32 -19.31
N TYR A 193 -1.46 7.46 -18.97
CA TYR A 193 -0.64 7.61 -17.78
C TYR A 193 -1.25 8.63 -16.84
N PHE A 194 -1.13 8.37 -15.54
CA PHE A 194 -1.39 9.37 -14.51
C PHE A 194 -0.08 10.08 -14.18
N LYS A 195 -0.10 11.42 -14.26
CA LYS A 195 1.12 12.18 -14.00
C LYS A 195 1.44 12.16 -12.51
N ILE A 196 1.77 10.98 -11.98
CA ILE A 196 2.08 10.85 -10.56
C ILE A 196 3.41 11.53 -10.23
N THR A 197 4.25 11.79 -11.25
CA THR A 197 5.52 12.46 -10.99
C THR A 197 5.31 13.92 -10.59
N ASP A 198 4.19 14.53 -10.99
CA ASP A 198 3.87 15.87 -10.55
C ASP A 198 3.68 15.95 -9.03
N TYR A 199 3.38 14.82 -8.39
CA TYR A 199 3.16 14.76 -6.95
C TYR A 199 4.28 14.00 -6.24
N ALA A 200 5.42 13.80 -6.90
CA ALA A 200 6.48 12.99 -6.32
C ALA A 200 7.06 13.64 -5.06
N GLU A 201 7.31 14.96 -5.12
CA GLU A 201 7.87 15.66 -3.97
C GLU A 201 6.87 15.68 -2.81
N GLU A 202 5.60 15.94 -3.09
CA GLU A 202 4.60 15.99 -2.04
C GLU A 202 4.37 14.62 -1.43
N LEU A 203 4.38 13.57 -2.25
CA LEU A 203 4.22 12.21 -1.75
C LEU A 203 5.39 11.77 -0.89
N LEU A 204 6.53 12.47 -0.96
CA LEU A 204 7.72 12.13 -0.19
C LEU A 204 7.82 12.90 1.11
N ASN A 205 7.40 14.17 1.13
CA ASN A 205 7.47 14.96 2.36
C ASN A 205 6.34 14.61 3.31
N ASP A 206 5.12 14.43 2.80
CA ASP A 206 3.99 14.07 3.64
C ASP A 206 4.14 12.68 4.27
N LEU A 207 5.17 11.92 3.88
CA LEU A 207 5.45 10.66 4.56
C LEU A 207 5.85 10.90 6.00
N ASP A 208 6.61 11.97 6.26
CA ASP A 208 7.00 12.30 7.63
C ASP A 208 5.80 12.66 8.49
N LYS A 209 4.69 13.08 7.88
CA LYS A 209 3.47 13.33 8.64
C LYS A 209 2.90 12.06 9.26
N LEU A 210 3.19 10.92 8.65
CA LEU A 210 2.59 9.64 9.06
C LEU A 210 3.38 9.06 10.22
N GLU A 211 3.17 9.65 11.41
CA GLU A 211 3.85 9.20 12.61
C GLU A 211 3.36 7.84 13.08
N HIS A 212 2.19 7.39 12.62
CA HIS A 212 1.60 6.13 13.06
C HIS A 212 1.59 5.09 11.94
N TRP A 213 2.53 5.20 11.00
CA TRP A 213 2.79 4.20 9.98
C TRP A 213 4.04 3.40 10.33
N PRO A 214 4.08 2.12 9.96
CA PRO A 214 5.33 1.37 10.12
C PRO A 214 6.44 1.98 9.29
N GLU A 215 7.59 2.21 9.95
CA GLU A 215 8.72 2.84 9.27
C GLU A 215 9.20 2.03 8.08
N GLN A 216 8.91 0.73 8.04
CA GLN A 216 9.27 -0.08 6.88
C GLN A 216 8.47 0.33 5.65
N VAL A 217 7.16 0.54 5.81
CA VAL A 217 6.33 0.96 4.69
C VAL A 217 6.76 2.34 4.21
N LYS A 218 7.11 3.23 5.14
CA LYS A 218 7.53 4.58 4.76
C LYS A 218 8.89 4.56 4.07
N THR A 219 9.79 3.67 4.50
CA THR A 219 11.10 3.59 3.87
C THR A 219 10.99 3.01 2.46
N MET A 220 10.14 2.00 2.27
CA MET A 220 10.00 1.40 0.94
C MET A 220 9.45 2.41 -0.07
N GLN A 221 8.53 3.27 0.37
CA GLN A 221 8.01 4.30 -0.53
C GLN A 221 9.08 5.33 -0.86
N ARG A 222 9.96 5.64 0.10
CA ARG A 222 11.02 6.61 -0.16
C ARG A 222 12.00 6.10 -1.21
N ASN A 223 12.33 4.81 -1.15
CA ASN A 223 13.23 4.24 -2.15
C ASN A 223 12.53 4.06 -3.49
N TRP A 224 11.22 3.79 -3.49
CA TRP A 224 10.50 3.63 -4.75
C TRP A 224 10.39 4.96 -5.49
N ILE A 225 10.08 6.04 -4.76
CA ILE A 225 10.13 7.37 -5.37
C ILE A 225 11.55 7.67 -5.83
N GLY A 226 12.54 7.32 -5.02
CA GLY A 226 13.93 7.40 -5.41
C GLY A 226 14.43 8.79 -5.70
N LYS A 227 14.13 9.74 -4.83
CA LYS A 227 14.59 11.11 -5.02
C LYS A 227 16.10 11.20 -4.84
N SER A 228 16.77 11.86 -5.77
CA SER A 228 18.19 12.14 -5.68
C SER A 228 18.42 13.58 -6.12
N ARG A 229 19.27 14.29 -5.39
CA ARG A 229 19.58 15.67 -5.68
C ARG A 229 20.92 15.73 -6.41
N GLY A 230 20.90 16.27 -7.63
CA GLY A 230 22.11 16.40 -8.42
C GLY A 230 22.31 17.80 -8.95
N MET A 231 23.11 17.94 -10.01
CA MET A 231 23.42 19.25 -10.57
C MET A 231 23.41 19.17 -12.09
N THR A 232 22.74 20.13 -12.72
CA THR A 232 22.77 20.29 -14.16
C THR A 232 23.89 21.27 -14.50
N VAL A 233 24.93 20.77 -15.17
CA VAL A 233 26.13 21.54 -15.45
C VAL A 233 26.26 21.72 -16.95
N ARG A 234 26.46 22.96 -17.40
CA ARG A 234 26.65 23.28 -18.80
C ARG A 234 28.12 23.57 -19.06
N PHE A 235 28.69 22.88 -20.05
CA PHE A 235 30.11 23.00 -20.38
C PHE A 235 30.24 23.82 -21.67
N ALA A 236 30.88 24.98 -21.57
CA ALA A 236 31.04 25.85 -22.72
C ALA A 236 32.02 25.24 -23.71
N VAL A 237 31.56 25.04 -24.94
CA VAL A 237 32.43 24.51 -25.99
C VAL A 237 33.49 25.54 -26.34
N SER A 238 34.73 25.09 -26.51
CA SER A 238 35.81 25.98 -26.89
C SER A 238 35.51 26.65 -28.22
N ASP A 239 35.99 27.90 -28.36
CA ASP A 239 35.70 28.68 -29.55
C ASP A 239 36.23 27.99 -30.81
N ASP A 240 37.24 27.15 -30.67
CA ASP A 240 37.73 26.39 -31.82
C ASP A 240 36.87 25.15 -32.07
N SER A 241 36.37 24.52 -31.00
CA SER A 241 35.57 23.32 -31.11
C SER A 241 34.11 23.60 -31.46
N LYS A 242 33.75 24.84 -31.75
CA LYS A 242 32.37 25.18 -32.09
C LYS A 242 32.06 24.97 -33.57
N GLN A 243 33.05 24.65 -34.38
CA GLN A 243 32.85 24.49 -35.83
C GLN A 243 31.98 23.27 -36.10
N GLY A 244 30.77 23.52 -36.60
CA GLY A 244 29.87 22.43 -36.95
C GLY A 244 28.54 22.49 -36.26
N LEU A 245 28.54 22.76 -34.95
CA LEU A 245 27.32 22.77 -34.16
C LEU A 245 26.55 24.07 -34.38
N GLU A 246 25.26 24.02 -34.06
CA GLU A 246 24.37 25.17 -34.22
C GLU A 246 23.24 25.07 -33.21
N GLY A 247 22.90 26.19 -32.58
CA GLY A 247 21.85 26.22 -31.59
C GLY A 247 22.38 26.23 -30.17
N ASP A 248 21.70 25.53 -29.26
CA ASP A 248 22.21 25.40 -27.90
C ASP A 248 23.47 24.55 -27.86
N TYR A 249 23.62 23.62 -28.81
CA TYR A 249 24.77 22.73 -28.86
C TYR A 249 26.01 23.40 -29.40
N ALA A 250 25.89 24.59 -30.01
CA ALA A 250 27.04 25.38 -30.40
C ALA A 250 27.55 26.25 -29.26
N LYS A 251 26.75 26.46 -28.22
CA LYS A 251 27.13 27.28 -27.08
C LYS A 251 27.62 26.45 -25.90
N PHE A 252 26.91 25.39 -25.54
CA PHE A 252 27.30 24.59 -24.38
C PHE A 252 26.82 23.15 -24.56
N LEU A 253 27.21 22.30 -23.61
CA LEU A 253 26.78 20.91 -23.55
C LEU A 253 26.34 20.62 -22.12
N GLN A 254 25.09 20.21 -21.96
CA GLN A 254 24.50 20.02 -20.64
C GLN A 254 24.70 18.59 -20.15
N VAL A 255 25.02 18.47 -18.87
CA VAL A 255 25.16 17.17 -18.21
C VAL A 255 24.46 17.21 -16.86
N TYR A 256 24.14 16.02 -16.35
CA TYR A 256 23.60 15.85 -15.01
C TYR A 256 24.48 14.89 -14.23
N THR A 257 24.83 15.27 -13.00
CA THR A 257 25.70 14.47 -12.16
C THR A 257 25.10 14.35 -10.77
N THR A 258 25.17 13.15 -10.20
CA THR A 258 24.68 12.92 -8.85
C THR A 258 25.70 13.35 -7.80
N ARG A 259 26.99 13.35 -8.17
CA ARG A 259 28.08 13.77 -7.27
C ARG A 259 28.77 14.97 -7.92
N PRO A 260 28.19 16.16 -7.81
CA PRO A 260 28.79 17.35 -8.41
C PRO A 260 29.88 18.00 -7.55
N ASP A 261 30.15 17.47 -6.36
CA ASP A 261 31.29 17.93 -5.57
C ASP A 261 32.62 17.54 -6.22
N THR A 262 32.58 16.63 -7.19
CA THR A 262 33.76 16.20 -7.93
C THR A 262 33.95 16.97 -9.23
N LEU A 263 33.41 18.20 -9.31
CA LEU A 263 33.41 18.93 -10.57
C LEU A 263 34.82 19.32 -10.99
N MET A 264 35.59 19.90 -10.06
CA MET A 264 36.96 20.31 -10.40
C MET A 264 37.82 19.14 -10.84
N GLY A 265 37.60 17.97 -10.24
CA GLY A 265 38.35 16.77 -10.56
C GLY A 265 37.94 16.07 -11.84
N ALA A 266 37.09 16.67 -12.66
CA ALA A 266 36.71 16.09 -13.94
C ALA A 266 37.85 16.27 -14.92
N THR A 267 38.33 15.15 -15.47
CA THR A 267 39.45 15.19 -16.42
C THR A 267 39.00 15.15 -17.87
N TYR A 268 37.76 14.76 -18.15
CA TYR A 268 37.24 14.72 -19.52
C TYR A 268 35.72 14.67 -19.43
N VAL A 269 35.08 14.63 -20.60
CA VAL A 269 33.63 14.70 -20.72
C VAL A 269 33.16 13.72 -21.78
N ALA A 270 32.11 12.99 -21.48
CA ALA A 270 31.53 12.01 -22.39
C ALA A 270 30.28 12.58 -23.07
N VAL A 271 29.93 11.97 -24.20
CA VAL A 271 28.78 12.39 -25.00
C VAL A 271 28.17 11.18 -25.67
N ALA A 272 26.92 11.33 -26.11
CA ALA A 272 26.21 10.26 -26.79
C ALA A 272 26.48 10.31 -28.29
N ALA A 273 26.08 9.23 -28.98
CA ALA A 273 26.31 9.14 -30.42
C ALA A 273 25.31 9.99 -31.20
N GLU A 274 24.07 10.10 -30.73
CA GLU A 274 23.07 10.91 -31.40
C GLU A 274 23.19 12.40 -31.08
N HIS A 275 24.14 12.79 -30.25
CA HIS A 275 24.28 14.19 -29.87
C HIS A 275 24.80 15.00 -31.06
N PRO A 276 24.26 16.20 -31.29
CA PRO A 276 24.71 17.00 -32.44
C PRO A 276 26.18 17.38 -32.36
N LEU A 277 26.75 17.52 -31.17
CA LEU A 277 28.17 17.79 -31.06
C LEU A 277 29.01 16.61 -31.55
N ALA A 278 28.45 15.41 -31.50
CA ALA A 278 29.15 14.24 -32.01
C ALA A 278 29.06 14.15 -33.53
N THR A 279 27.88 14.39 -34.08
CA THR A 279 27.71 14.33 -35.54
C THR A 279 28.45 15.46 -36.24
N ALA A 280 28.59 16.61 -35.58
CA ALA A 280 29.33 17.71 -36.18
C ALA A 280 30.83 17.42 -36.19
N ALA A 281 31.34 16.81 -35.12
CA ALA A 281 32.75 16.42 -35.09
C ALA A 281 33.04 15.23 -36.01
N ALA A 282 32.02 14.48 -36.40
CA ALA A 282 32.17 13.34 -37.28
C ALA A 282 31.89 13.67 -38.74
N ALA A 283 31.48 14.91 -39.04
CA ALA A 283 31.25 15.30 -40.43
C ALA A 283 32.54 15.31 -41.24
N ASP A 284 33.70 15.46 -40.58
CA ASP A 284 34.98 15.40 -41.25
C ASP A 284 35.86 14.25 -40.78
N LYS A 285 35.35 13.39 -39.91
CA LYS A 285 36.12 12.26 -39.36
C LYS A 285 35.39 10.96 -39.63
N PRO A 286 35.91 10.09 -40.51
CA PRO A 286 35.27 8.79 -40.70
C PRO A 286 35.51 7.81 -39.56
N GLU A 287 36.49 8.08 -38.70
CA GLU A 287 36.73 7.21 -37.54
C GLU A 287 35.63 7.36 -36.50
N LEU A 288 34.93 8.50 -36.48
CA LEU A 288 33.80 8.69 -35.58
C LEU A 288 32.47 8.32 -36.21
N GLN A 289 32.37 8.40 -37.54
CA GLN A 289 31.17 7.93 -38.23
C GLN A 289 31.05 6.41 -38.17
N ALA A 290 32.14 5.71 -37.90
CA ALA A 290 32.07 4.27 -37.66
C ALA A 290 31.68 3.95 -36.23
N PHE A 291 32.02 4.84 -35.29
CA PHE A 291 31.56 4.68 -33.90
C PHE A 291 30.11 5.13 -33.76
N ILE A 292 29.75 6.24 -34.41
CA ILE A 292 28.36 6.70 -34.37
C ILE A 292 27.43 5.65 -34.95
N ALA A 293 27.89 4.93 -35.98
CA ALA A 293 27.13 3.85 -36.58
C ALA A 293 27.32 2.53 -35.85
N GLU A 294 28.27 2.45 -34.91
CA GLU A 294 28.55 1.20 -34.20
C GLU A 294 27.39 0.83 -33.27
N CYS A 295 27.27 1.55 -32.15
CA CYS A 295 26.22 1.24 -31.18
C CYS A 295 24.84 1.48 -31.78
N LYS A 296 24.67 2.59 -32.49
CA LYS A 296 23.39 2.90 -33.11
C LYS A 296 23.10 1.97 -34.29
N GLU A 309 29.67 -3.37 -22.36
CA GLU A 309 31.06 -2.94 -22.20
C GLU A 309 31.17 -1.42 -22.24
N LYS A 310 32.38 -0.92 -22.49
CA LYS A 310 32.62 0.52 -22.53
C LYS A 310 33.70 0.81 -23.56
N LYS A 311 33.32 1.50 -24.63
CA LYS A 311 34.25 1.94 -25.65
C LYS A 311 34.10 3.44 -25.85
N GLY A 312 35.18 4.08 -26.30
CA GLY A 312 35.17 5.52 -26.49
C GLY A 312 36.17 5.94 -27.54
N VAL A 313 35.84 7.03 -28.24
CA VAL A 313 36.73 7.61 -29.24
C VAL A 313 36.85 9.11 -28.98
N PRO A 314 38.05 9.68 -29.05
CA PRO A 314 38.19 11.13 -28.93
C PRO A 314 38.00 11.82 -30.28
N THR A 315 37.30 12.95 -30.24
CA THR A 315 36.98 13.71 -31.45
C THR A 315 37.70 15.05 -31.51
N GLY A 316 38.67 15.29 -30.64
CA GLY A 316 39.34 16.57 -30.61
C GLY A 316 38.49 17.73 -30.16
N ARG A 317 37.23 17.50 -29.81
CA ARG A 317 36.35 18.54 -29.32
C ARG A 317 36.63 18.81 -27.85
N TYR A 318 36.63 20.08 -27.48
CA TYR A 318 36.93 20.50 -26.12
C TYR A 318 35.81 21.37 -25.58
N VAL A 319 35.50 21.17 -24.29
CA VAL A 319 34.56 22.00 -23.57
C VAL A 319 35.27 22.59 -22.35
N VAL A 320 34.71 23.68 -21.83
CA VAL A 320 35.34 24.43 -20.75
C VAL A 320 34.65 24.08 -19.43
N ASN A 321 35.40 23.51 -18.50
CA ASN A 321 34.94 23.26 -17.15
C ASN A 321 34.67 24.61 -16.49
N PRO A 322 33.41 24.95 -16.22
CA PRO A 322 33.08 26.34 -15.82
C PRO A 322 33.57 26.73 -14.44
N LEU A 323 34.16 25.82 -13.66
CA LEU A 323 34.56 26.13 -12.30
C LEU A 323 36.05 26.33 -12.12
N ASN A 324 36.87 25.99 -13.12
CA ASN A 324 38.31 26.19 -13.01
C ASN A 324 38.91 26.57 -14.35
N GLY A 325 38.18 26.30 -15.43
CA GLY A 325 38.65 26.59 -16.76
C GLY A 325 39.41 25.48 -17.44
N ASP A 326 39.40 24.27 -16.88
CA ASP A 326 40.08 23.14 -17.52
C ASP A 326 39.44 22.83 -18.86
N LYS A 327 40.27 22.54 -19.86
CA LYS A 327 39.79 22.23 -21.21
C LYS A 327 39.65 20.73 -21.32
N LEU A 328 38.48 20.22 -20.94
CA LEU A 328 38.21 18.79 -21.00
C LEU A 328 37.79 18.39 -22.40
N GLU A 329 38.42 17.33 -22.91
CA GLU A 329 38.12 16.84 -24.25
C GLU A 329 36.79 16.07 -24.25
N VAL A 330 36.10 16.14 -25.37
CA VAL A 330 34.79 15.49 -25.53
C VAL A 330 35.02 14.14 -26.18
N TRP A 331 34.72 13.08 -25.44
CA TRP A 331 34.83 11.71 -25.93
C TRP A 331 33.45 11.17 -26.30
N ILE A 332 33.39 10.41 -27.39
CA ILE A 332 32.16 9.76 -27.81
C ILE A 332 32.13 8.36 -27.22
N ALA A 333 31.16 8.11 -26.34
CA ALA A 333 31.08 6.86 -25.60
C ALA A 333 29.82 6.09 -26.00
N ASN A 334 29.91 4.77 -25.95
CA ASN A 334 28.80 3.89 -26.26
C ASN A 334 27.91 3.60 -25.06
N TYR A 335 28.22 4.16 -23.89
CA TYR A 335 27.41 3.97 -22.70
C TYR A 335 26.49 5.14 -22.41
N VAL A 336 26.59 6.23 -23.17
CA VAL A 336 25.76 7.42 -22.96
C VAL A 336 24.48 7.21 -23.76
N LEU A 337 23.42 6.81 -23.07
CA LEU A 337 22.14 6.57 -23.73
C LEU A 337 21.49 7.89 -24.12
N TRP A 338 21.11 8.01 -25.38
CA TRP A 338 20.45 9.21 -25.86
C TRP A 338 18.98 9.21 -25.46
N GLY A 339 18.45 10.40 -25.20
CA GLY A 339 17.10 10.57 -24.72
C GLY A 339 16.97 10.53 -23.20
N TYR A 340 17.84 9.79 -22.52
CA TYR A 340 17.86 9.75 -21.07
C TYR A 340 18.59 10.99 -20.56
N GLY A 341 17.84 11.91 -19.97
CA GLY A 341 18.44 13.16 -19.53
C GLY A 341 18.80 14.04 -20.70
N ASP A 342 19.93 14.74 -20.58
CA ASP A 342 20.42 15.60 -21.65
C ASP A 342 21.37 14.88 -22.60
N GLY A 343 21.47 13.56 -22.49
CA GLY A 343 22.29 12.79 -23.40
C GLY A 343 23.78 12.98 -23.24
N ALA A 344 24.24 13.34 -22.04
CA ALA A 344 25.65 13.56 -21.81
C ALA A 344 25.92 13.54 -20.31
N VAL A 345 27.13 13.09 -19.96
CA VAL A 345 27.60 13.10 -18.57
C VAL A 345 29.05 13.59 -18.56
N MET A 346 29.51 14.00 -17.39
CA MET A 346 30.91 14.28 -17.17
C MET A 346 31.58 13.03 -16.60
N ALA A 347 32.89 13.10 -16.40
CA ALA A 347 33.65 11.93 -15.98
C ALA A 347 34.65 12.33 -14.90
N VAL A 348 34.48 11.75 -13.71
CA VAL A 348 35.45 11.90 -12.63
C VAL A 348 35.96 10.52 -12.26
N PRO A 349 37.06 10.07 -12.86
CA PRO A 349 37.52 8.70 -12.61
C PRO A 349 38.06 8.50 -11.20
N ALA A 350 38.62 9.53 -10.58
CA ALA A 350 39.22 9.38 -9.25
C ALA A 350 38.18 9.08 -8.18
N HIS A 351 36.89 9.32 -8.44
CA HIS A 351 35.86 9.12 -7.44
C HIS A 351 34.59 8.56 -8.08
N ASP A 352 34.76 7.70 -9.08
CA ASP A 352 33.64 6.98 -9.68
C ASP A 352 34.17 5.66 -10.24
N GLU A 353 33.54 4.56 -9.87
CA GLU A 353 34.01 3.24 -10.29
C GLU A 353 33.87 3.06 -11.79
N ARG A 354 32.73 3.45 -12.35
CA ARG A 354 32.54 3.30 -13.80
C ARG A 354 33.47 4.20 -14.58
N ASP A 355 33.79 5.39 -14.06
CA ASP A 355 34.72 6.28 -14.73
C ASP A 355 36.17 5.89 -14.47
N PHE A 356 36.45 5.27 -13.32
CA PHE A 356 37.79 4.75 -13.08
C PHE A 356 38.13 3.63 -14.05
N GLU A 357 37.15 2.80 -14.40
CA GLU A 357 37.39 1.74 -15.38
C GLU A 357 37.51 2.30 -16.79
N PHE A 358 36.73 3.35 -17.10
CA PHE A 358 36.80 3.94 -18.43
C PHE A 358 38.08 4.76 -18.64
N ALA A 359 38.68 5.25 -17.57
CA ALA A 359 39.93 6.00 -17.67
C ALA A 359 41.18 5.14 -17.49
N ALA A 360 41.09 4.07 -16.69
CA ALA A 360 42.16 3.08 -16.67
C ALA A 360 42.18 2.24 -17.94
N LYS A 361 41.26 2.48 -18.86
CA LYS A 361 41.21 1.78 -20.14
C LYS A 361 41.92 2.54 -21.25
N TYR A 362 42.02 3.86 -21.13
CA TYR A 362 42.67 4.69 -22.14
C TYR A 362 43.68 5.67 -21.54
N ASN A 363 44.04 5.49 -20.27
CA ASN A 363 45.02 6.33 -19.59
C ASN A 363 44.59 7.79 -19.57
N LEU A 364 43.63 8.13 -18.70
CA LEU A 364 43.16 9.48 -18.49
C LEU A 364 43.46 9.92 -17.06
N PRO A 365 43.65 11.22 -16.82
CA PRO A 365 44.05 11.67 -15.48
C PRO A 365 43.01 11.35 -14.43
N LYS A 366 43.45 11.40 -13.16
CA LYS A 366 42.61 11.14 -12.00
C LYS A 366 42.97 12.14 -10.90
N LYS A 367 42.57 13.40 -11.10
CA LYS A 367 42.81 14.45 -10.10
C LYS A 367 41.90 14.20 -8.91
N GLN A 368 42.47 13.70 -7.82
CA GLN A 368 41.70 13.43 -6.61
C GLN A 368 41.18 14.72 -6.00
N VAL A 369 39.94 14.68 -5.52
CA VAL A 369 39.33 15.87 -4.94
C VAL A 369 38.73 15.59 -3.57
N ILE A 370 38.62 14.32 -3.19
CA ILE A 370 37.98 13.94 -1.94
C ILE A 370 38.95 13.11 -1.09
N ALA A 371 38.98 13.41 0.20
CA ALA A 371 39.68 12.60 1.19
C ALA A 371 38.69 12.10 2.22
N VAL A 372 39.00 10.94 2.81
CA VAL A 372 38.17 10.35 3.86
C VAL A 372 39.08 10.15 5.06
N GLY A 373 39.03 11.07 6.01
CA GLY A 373 39.95 11.06 7.12
C GLY A 373 41.37 11.32 6.67
N ASP A 374 42.15 10.25 6.47
CA ASP A 374 43.50 10.39 5.95
C ASP A 374 43.96 9.14 5.20
N ASN A 375 43.03 8.42 4.58
CA ASN A 375 43.39 7.24 3.81
C ASN A 375 44.27 7.63 2.63
N ALA A 376 45.42 6.98 2.51
CA ALA A 376 46.36 7.29 1.44
C ALA A 376 45.72 7.06 0.08
N PHE A 377 45.76 8.08 -0.77
CA PHE A 377 45.16 8.01 -2.09
C PHE A 377 46.03 7.15 -3.00
N ASP A 378 45.52 6.00 -3.41
CA ASP A 378 46.17 5.16 -4.41
C ASP A 378 45.71 5.63 -5.78
N ALA A 379 46.68 5.96 -6.65
CA ALA A 379 46.35 6.58 -7.93
C ALA A 379 45.58 5.62 -8.83
N ASN A 380 46.20 4.51 -9.21
CA ASN A 380 45.63 3.58 -10.17
C ASN A 380 45.03 2.34 -9.51
N ARG A 381 44.54 2.47 -8.29
CA ARG A 381 43.91 1.36 -7.56
C ARG A 381 42.58 1.85 -7.01
N TRP A 382 41.48 1.33 -7.55
CA TRP A 382 40.16 1.72 -7.08
C TRP A 382 39.91 1.20 -5.67
N GLN A 383 39.33 2.05 -4.83
CA GLN A 383 38.98 1.68 -3.46
C GLN A 383 37.59 2.21 -3.15
N GLU A 384 36.91 1.54 -2.22
CA GLU A 384 35.53 1.87 -1.91
C GLU A 384 35.39 3.25 -1.24
N TRP A 385 36.48 3.81 -0.74
CA TRP A 385 36.43 5.09 -0.03
C TRP A 385 36.37 6.29 -0.97
N TYR A 386 36.47 6.08 -2.28
CA TYR A 386 36.41 7.20 -3.22
C TYR A 386 34.99 7.65 -3.51
N GLY A 387 33.99 6.85 -3.16
CA GLY A 387 32.60 7.24 -3.37
C GLY A 387 31.92 7.61 -2.06
N ASP A 388 32.71 7.89 -1.04
CA ASP A 388 32.17 8.23 0.28
C ASP A 388 31.55 9.62 0.27
N LYS A 389 30.25 9.68 0.05
CA LYS A 389 29.50 10.94 0.09
C LYS A 389 29.04 11.30 1.49
N GLU A 390 29.47 10.56 2.51
CA GLU A 390 29.05 10.80 3.89
C GLU A 390 30.17 11.27 4.80
N ASN A 391 31.42 10.87 4.54
CA ASN A 391 32.55 11.22 5.39
C ASN A 391 33.71 11.70 4.52
N GLY A 392 33.52 12.81 3.82
CA GLY A 392 34.54 13.30 2.92
C GLY A 392 34.63 14.80 2.80
N VAL A 393 35.86 15.33 2.85
CA VAL A 393 36.12 16.73 2.60
C VAL A 393 36.85 16.85 1.26
N LEU A 394 36.91 18.08 0.75
CA LEU A 394 37.41 18.31 -0.59
C LEU A 394 38.89 18.70 -0.61
N VAL A 395 39.57 18.30 -1.68
CA VAL A 395 40.97 18.62 -1.91
C VAL A 395 41.11 19.09 -3.37
N ASN A 396 42.10 19.94 -3.61
CA ASN A 396 42.44 20.41 -4.96
C ASN A 396 41.22 20.94 -5.70
N SER A 397 40.46 21.82 -5.04
CA SER A 397 39.22 22.34 -5.61
C SER A 397 39.08 23.85 -5.43
N GLY A 398 40.14 24.53 -5.02
CA GLY A 398 40.05 25.98 -4.87
C GLY A 398 39.37 26.36 -3.59
N ASP A 399 38.34 27.20 -3.68
CA ASP A 399 37.57 27.64 -2.52
C ASP A 399 36.59 26.57 -2.05
N LEU A 400 36.77 25.32 -2.47
CA LEU A 400 35.96 24.20 -2.01
C LEU A 400 36.70 23.29 -1.05
N ASP A 401 38.01 23.46 -0.89
CA ASP A 401 38.83 22.56 -0.09
C ASP A 401 38.40 22.55 1.38
N GLY A 402 37.91 21.41 1.85
CA GLY A 402 37.51 21.23 3.23
C GLY A 402 36.03 21.15 3.46
N LEU A 403 35.21 21.45 2.45
CA LEU A 403 33.76 21.43 2.59
C LEU A 403 33.24 20.02 2.38
N ASP A 404 32.37 19.57 3.28
CA ASP A 404 31.74 18.26 3.14
C ASP A 404 30.80 18.26 1.93
N PHE A 405 30.30 17.07 1.59
CA PHE A 405 29.48 16.92 0.39
C PHE A 405 28.25 17.82 0.43
N GLN A 406 27.62 17.93 1.59
CA GLN A 406 26.46 18.81 1.72
C GLN A 406 26.84 20.27 1.51
N THR A 407 28.05 20.65 1.93
CA THR A 407 28.54 22.02 1.72
C THR A 407 29.18 22.18 0.35
N ALA A 408 29.93 21.16 -0.11
CA ALA A 408 30.50 21.22 -1.45
C ALA A 408 29.43 21.28 -2.53
N PHE A 409 28.30 20.61 -2.30
CA PHE A 409 27.17 20.72 -3.23
C PHE A 409 26.65 22.16 -3.28
N ASP A 410 26.40 22.75 -2.11
CA ASP A 410 25.84 24.09 -2.06
C ASP A 410 26.82 25.14 -2.56
N ALA A 411 28.12 24.89 -2.42
CA ALA A 411 29.11 25.85 -2.90
C ALA A 411 29.25 25.79 -4.41
N VAL A 412 29.21 24.58 -4.99
CA VAL A 412 29.27 24.45 -6.44
C VAL A 412 28.02 25.02 -7.09
N ALA A 413 26.86 24.89 -6.42
CA ALA A 413 25.62 25.43 -6.98
C ALA A 413 25.66 26.95 -7.07
N ALA A 414 26.06 27.61 -5.98
CA ALA A 414 26.22 29.07 -6.03
C ALA A 414 27.34 29.48 -6.97
N LYS A 415 28.35 28.64 -7.14
CA LYS A 415 29.43 28.97 -8.10
C LYS A 415 28.87 28.93 -9.52
N LEU A 416 28.22 27.83 -9.90
CA LEU A 416 27.71 27.67 -11.28
C LEU A 416 26.65 28.72 -11.59
N GLN A 417 25.81 29.09 -10.61
CA GLN A 417 24.71 30.04 -10.87
C GLN A 417 25.27 31.44 -11.08
N SER A 418 26.42 31.76 -10.46
CA SER A 418 27.06 33.08 -10.64
C SER A 418 27.50 33.23 -12.11
N GLN A 419 28.01 32.16 -12.71
CA GLN A 419 28.44 32.21 -14.13
C GLN A 419 27.25 31.94 -15.05
N GLY A 420 26.17 31.34 -14.52
CA GLY A 420 25.01 30.97 -15.35
C GLY A 420 25.30 29.69 -16.11
N ALA A 421 26.17 28.84 -15.59
CA ALA A 421 26.57 27.60 -16.29
C ALA A 421 26.08 26.38 -15.51
N GLY A 422 25.05 26.57 -14.67
CA GLY A 422 24.50 25.45 -13.94
C GLY A 422 23.49 25.88 -12.90
N GLU A 423 22.89 24.87 -12.29
CA GLU A 423 21.89 25.02 -11.24
C GLU A 423 21.56 23.62 -10.72
N PRO A 424 21.05 23.52 -9.49
CA PRO A 424 20.71 22.20 -8.96
C PRO A 424 19.47 21.62 -9.64
N LYS A 425 19.48 20.30 -9.78
CA LYS A 425 18.40 19.56 -10.41
C LYS A 425 18.07 18.33 -9.58
N THR A 426 16.78 18.03 -9.48
CA THR A 426 16.29 16.90 -8.69
C THR A 426 15.69 15.85 -9.61
N GLN A 427 16.02 14.59 -9.36
CA GLN A 427 15.53 13.47 -10.15
C GLN A 427 14.90 12.42 -9.26
N TYR A 428 13.93 11.70 -9.81
CA TYR A 428 13.29 10.59 -9.12
C TYR A 428 13.35 9.35 -10.01
N ARG A 429 13.45 8.19 -9.38
CA ARG A 429 13.28 6.93 -10.09
C ARG A 429 11.81 6.61 -10.32
N LEU A 430 10.90 7.39 -9.75
CA LEU A 430 9.47 7.18 -9.95
C LEU A 430 9.09 7.59 -11.37
N ARG A 431 8.54 6.64 -12.12
CA ARG A 431 7.98 6.91 -13.44
C ARG A 431 6.47 7.05 -13.33
N ASP A 432 5.87 7.63 -14.36
CA ASP A 432 4.43 7.87 -14.33
C ASP A 432 3.67 6.54 -14.33
N TRP A 433 2.41 6.63 -13.90
CA TRP A 433 1.58 5.46 -13.62
C TRP A 433 0.75 5.12 -14.85
N GLY A 434 1.21 4.14 -15.62
CA GLY A 434 0.45 3.65 -16.75
C GLY A 434 -0.71 2.77 -16.33
N ILE A 435 -1.93 3.15 -16.71
CA ILE A 435 -3.12 2.47 -16.24
C ILE A 435 -3.90 1.76 -17.34
N SER A 436 -3.50 1.91 -18.60
CA SER A 436 -4.20 1.22 -19.68
C SER A 436 -3.98 -0.28 -19.58
N ARG A 437 -5.06 -1.04 -19.69
CA ARG A 437 -5.00 -2.50 -19.66
C ARG A 437 -5.74 -3.06 -20.86
N GLN A 438 -5.15 -4.05 -21.52
CA GLN A 438 -5.76 -4.72 -22.66
C GLN A 438 -6.65 -5.88 -22.20
N ARG A 439 -7.50 -5.61 -21.23
CA ARG A 439 -8.37 -6.61 -20.63
C ARG A 439 -9.83 -6.16 -20.73
N TYR A 440 -10.74 -7.12 -20.56
CA TYR A 440 -12.17 -6.84 -20.62
C TYR A 440 -12.71 -6.39 -19.26
N TRP A 441 -12.60 -7.25 -18.26
CA TRP A 441 -13.14 -6.96 -16.93
C TRP A 441 -12.38 -5.79 -16.29
N GLY A 442 -12.84 -4.58 -16.55
CA GLY A 442 -12.20 -3.40 -16.01
C GLY A 442 -12.98 -2.18 -16.40
N CYS A 443 -12.76 -1.11 -15.63
CA CYS A 443 -13.46 0.14 -15.87
C CYS A 443 -13.12 0.68 -17.26
N PRO A 444 -14.10 0.88 -18.14
CA PRO A 444 -13.79 1.40 -19.48
C PRO A 444 -13.20 2.80 -19.41
N ILE A 445 -12.21 3.04 -20.28
CA ILE A 445 -11.55 4.34 -20.36
C ILE A 445 -12.46 5.30 -21.12
N PRO A 446 -12.93 6.37 -20.49
CA PRO A 446 -13.90 7.29 -21.14
C PRO A 446 -13.24 8.23 -22.15
N ILE A 447 -12.71 7.64 -23.21
CA ILE A 447 -12.11 8.40 -24.31
C ILE A 447 -12.68 7.88 -25.62
N VAL A 448 -13.03 8.80 -26.51
CA VAL A 448 -13.59 8.46 -27.82
C VAL A 448 -12.65 9.02 -28.89
N HIS A 449 -12.17 8.15 -29.77
CA HIS A 449 -11.23 8.54 -30.80
C HIS A 449 -11.97 8.99 -32.06
N CYS A 450 -11.78 10.25 -32.43
CA CYS A 450 -12.37 10.82 -33.63
C CYS A 450 -11.26 11.19 -34.60
N GLU A 451 -11.44 10.84 -35.87
CA GLU A 451 -10.43 11.15 -36.87
C GLU A 451 -10.25 12.65 -37.04
N LYS A 452 -11.34 13.42 -36.90
CA LYS A 452 -11.28 14.87 -37.03
C LYS A 452 -10.87 15.55 -35.74
N CYS A 453 -11.51 15.19 -34.62
CA CYS A 453 -11.30 15.89 -33.36
C CYS A 453 -10.13 15.33 -32.55
N GLY A 454 -9.94 14.02 -32.57
CA GLY A 454 -8.85 13.41 -31.82
C GLY A 454 -9.33 12.60 -30.63
N ASN A 455 -8.49 12.50 -29.61
CA ASN A 455 -8.84 11.77 -28.37
C ASN A 455 -9.64 12.72 -27.49
N VAL A 456 -10.96 12.69 -27.63
CA VAL A 456 -11.83 13.57 -26.87
C VAL A 456 -12.45 12.80 -25.71
N PRO A 457 -12.61 13.42 -24.55
CA PRO A 457 -13.27 12.73 -23.43
C PRO A 457 -14.77 12.63 -23.65
N VAL A 458 -15.41 11.83 -22.80
CA VAL A 458 -16.86 11.63 -22.84
C VAL A 458 -17.52 12.72 -22.01
N PRO A 459 -18.61 13.32 -22.47
CA PRO A 459 -19.31 14.32 -21.66
C PRO A 459 -19.75 13.73 -20.34
N ALA A 460 -19.63 14.54 -19.28
CA ALA A 460 -19.99 14.06 -17.94
C ALA A 460 -21.47 13.70 -17.85
N ASP A 461 -22.31 14.32 -18.67
CA ASP A 461 -23.72 13.95 -18.71
C ASP A 461 -23.94 12.57 -19.30
N GLN A 462 -23.00 12.07 -20.12
CA GLN A 462 -23.11 10.77 -20.76
C GLN A 462 -22.27 9.71 -20.06
N LEU A 463 -21.87 9.96 -18.80
CA LEU A 463 -21.19 8.96 -17.98
C LEU A 463 -22.22 8.21 -17.13
N PRO A 464 -21.99 6.92 -16.85
CA PRO A 464 -20.81 6.13 -17.19
C PRO A 464 -20.80 5.57 -18.60
N VAL A 465 -19.61 5.17 -19.07
CA VAL A 465 -19.46 4.35 -20.26
C VAL A 465 -19.63 2.91 -19.78
N VAL A 466 -20.86 2.42 -19.85
CA VAL A 466 -21.22 1.16 -19.22
C VAL A 466 -20.47 0.01 -19.89
N LEU A 467 -19.72 -0.75 -19.08
CA LEU A 467 -19.08 -1.96 -19.58
C LEU A 467 -20.12 -3.06 -19.73
N PRO A 468 -20.31 -3.63 -20.91
CA PRO A 468 -21.28 -4.72 -21.06
C PRO A 468 -20.87 -5.94 -20.25
N GLU A 469 -21.80 -6.44 -19.44
CA GLU A 469 -21.52 -7.54 -18.53
C GLU A 469 -21.67 -8.91 -19.17
N ASN A 470 -22.35 -9.00 -20.31
CA ASN A 470 -22.68 -10.28 -20.94
C ASN A 470 -21.57 -10.81 -21.84
N VAL A 471 -20.32 -10.72 -21.41
CA VAL A 471 -19.17 -11.10 -22.24
C VAL A 471 -18.40 -12.22 -21.56
N VAL A 472 -18.03 -13.22 -22.34
CA VAL A 472 -17.15 -14.30 -21.91
C VAL A 472 -15.89 -14.26 -22.76
N PRO A 473 -14.79 -13.75 -22.21
CA PRO A 473 -13.55 -13.64 -23.01
C PRO A 473 -13.07 -15.01 -23.50
N ASP A 474 -12.79 -15.07 -24.80
CA ASP A 474 -12.29 -16.31 -25.40
C ASP A 474 -10.86 -16.64 -24.97
N GLY A 475 -10.13 -15.66 -24.43
CA GLY A 475 -8.77 -15.88 -24.00
C GLY A 475 -7.71 -15.60 -25.05
N MET A 476 -8.01 -14.77 -26.05
CA MET A 476 -7.05 -14.48 -27.12
C MET A 476 -7.29 -13.04 -27.59
N GLY A 477 -6.78 -12.09 -26.83
CA GLY A 477 -6.85 -10.68 -27.18
C GLY A 477 -7.96 -9.96 -26.43
N SER A 478 -7.90 -8.62 -26.51
CA SER A 478 -8.85 -7.74 -25.87
C SER A 478 -10.25 -7.99 -26.38
N PRO A 479 -11.17 -8.48 -25.54
CA PRO A 479 -12.52 -8.77 -26.03
C PRO A 479 -13.32 -7.53 -26.43
N LEU A 480 -13.00 -6.37 -25.86
CA LEU A 480 -13.71 -5.15 -26.22
C LEU A 480 -13.34 -4.64 -27.61
N ALA A 481 -12.14 -4.99 -28.10
CA ALA A 481 -11.73 -4.61 -29.44
C ALA A 481 -12.37 -5.46 -30.53
N LYS A 482 -13.15 -6.48 -30.15
CA LYS A 482 -13.86 -7.33 -31.10
C LYS A 482 -15.37 -7.13 -31.04
N MET A 483 -15.84 -6.08 -30.39
CA MET A 483 -17.27 -5.82 -30.18
C MET A 483 -17.63 -4.49 -30.82
N PRO A 484 -17.98 -4.49 -32.12
CA PRO A 484 -18.34 -3.23 -32.78
C PRO A 484 -19.50 -2.49 -32.11
N GLU A 485 -20.51 -3.22 -31.65
CA GLU A 485 -21.64 -2.58 -30.99
C GLU A 485 -21.23 -1.84 -29.71
N PHE A 486 -20.04 -2.11 -29.19
CA PHE A 486 -19.51 -1.33 -28.08
C PHE A 486 -18.68 -0.15 -28.55
N TYR A 487 -17.61 -0.41 -29.32
CA TYR A 487 -16.66 0.65 -29.62
C TYR A 487 -17.14 1.59 -30.73
N GLU A 488 -18.11 1.17 -31.55
CA GLU A 488 -18.66 2.08 -32.55
C GLU A 488 -19.62 3.05 -31.88
N THR A 489 -19.31 4.35 -31.95
CA THR A 489 -20.15 5.39 -31.38
C THR A 489 -19.97 6.65 -32.19
N SER A 490 -20.57 7.74 -31.72
CA SER A 490 -20.46 9.04 -32.37
C SER A 490 -19.53 9.94 -31.56
N CYS A 491 -18.88 10.87 -32.26
CA CYS A 491 -17.96 11.78 -31.60
C CYS A 491 -18.75 12.82 -30.80
N PRO A 492 -18.45 13.01 -29.52
CA PRO A 492 -19.21 13.99 -28.72
C PRO A 492 -18.86 15.44 -29.01
N CYS A 493 -17.81 15.70 -29.77
CA CYS A 493 -17.43 17.07 -30.13
C CYS A 493 -17.97 17.49 -31.49
N CYS A 494 -17.84 16.64 -32.50
CA CYS A 494 -18.30 16.95 -33.86
C CYS A 494 -19.56 16.20 -34.26
N GLY A 495 -19.72 14.95 -33.82
CA GLY A 495 -20.90 14.17 -34.14
C GLY A 495 -20.69 13.08 -35.17
N GLY A 496 -19.48 12.92 -35.70
CA GLY A 496 -19.20 11.96 -36.74
C GLY A 496 -18.84 10.60 -36.20
N ALA A 497 -18.44 9.71 -37.11
CA ALA A 497 -18.06 8.36 -36.74
C ALA A 497 -16.81 8.39 -35.87
N ALA A 498 -16.81 7.57 -34.82
CA ALA A 498 -15.72 7.55 -33.86
C ALA A 498 -15.70 6.21 -33.15
N LYS A 499 -14.56 5.91 -32.53
CA LYS A 499 -14.35 4.64 -31.85
C LYS A 499 -14.07 4.88 -30.38
N ARG A 500 -14.64 4.02 -29.53
CA ARG A 500 -14.38 4.09 -28.09
C ARG A 500 -13.02 3.50 -27.76
N GLU A 501 -12.46 3.95 -26.64
CA GLU A 501 -11.22 3.37 -26.13
C GLU A 501 -11.53 2.00 -25.56
N THR A 502 -11.00 0.95 -26.20
CA THR A 502 -11.32 -0.42 -25.80
C THR A 502 -10.48 -0.90 -24.63
N ASP A 503 -9.37 -0.24 -24.32
CA ASP A 503 -8.62 -0.57 -23.12
C ASP A 503 -9.40 -0.16 -21.88
N THR A 504 -9.15 -0.86 -20.78
CA THR A 504 -9.80 -0.58 -19.51
C THR A 504 -8.75 -0.18 -18.47
N MET A 505 -9.25 0.38 -17.37
CA MET A 505 -8.37 0.83 -16.29
C MET A 505 -7.88 -0.36 -15.47
N ASP A 506 -6.86 -0.10 -14.65
CA ASP A 506 -6.33 -1.11 -13.74
C ASP A 506 -7.23 -1.25 -12.51
N THR A 507 -7.12 -2.42 -11.87
CA THR A 507 -7.89 -2.64 -10.65
C THR A 507 -7.46 -1.70 -9.53
N PHE A 508 -6.22 -1.21 -9.58
CA PHE A 508 -5.71 -0.29 -8.57
C PHE A 508 -6.22 1.13 -8.74
N ILE A 509 -7.22 1.35 -9.58
CA ILE A 509 -7.88 2.65 -9.69
C ILE A 509 -9.08 2.74 -8.76
N GLU A 510 -9.89 1.68 -8.69
CA GLU A 510 -11.01 1.65 -7.76
C GLU A 510 -10.54 1.56 -6.32
N SER A 511 -9.48 0.78 -6.08
CA SER A 511 -8.95 0.63 -4.72
C SER A 511 -8.20 1.87 -4.24
N SER A 512 -8.04 2.89 -5.09
CA SER A 512 -7.35 4.12 -4.71
C SER A 512 -8.30 5.19 -4.18
N TRP A 513 -9.60 4.93 -4.17
CA TRP A 513 -10.54 5.91 -3.62
C TRP A 513 -11.78 5.26 -3.02
N TYR A 514 -11.84 3.93 -2.91
CA TYR A 514 -13.00 3.27 -2.33
C TYR A 514 -13.22 3.66 -0.88
N PHE A 515 -12.16 4.08 -0.18
CA PHE A 515 -12.31 4.49 1.21
C PHE A 515 -13.09 5.79 1.34
N PHE A 516 -13.15 6.60 0.29
CA PHE A 516 -13.99 7.79 0.29
C PHE A 516 -15.42 7.48 -0.14
N ARG A 517 -15.61 6.51 -1.04
CA ARG A 517 -16.96 6.15 -1.45
C ARG A 517 -17.75 5.54 -0.29
N TYR A 518 -17.07 4.94 0.68
CA TYR A 518 -17.76 4.42 1.85
C TYR A 518 -18.46 5.53 2.63
N MET A 519 -17.95 6.76 2.54
CA MET A 519 -18.55 7.87 3.27
C MET A 519 -19.93 8.23 2.71
N SER A 520 -20.15 7.99 1.42
CA SER A 520 -21.45 8.24 0.79
C SER A 520 -21.63 7.24 -0.35
N PRO A 521 -21.96 5.99 -0.02
CA PRO A 521 -21.99 4.94 -1.05
C PRO A 521 -23.12 5.09 -2.05
N LYS A 522 -24.16 5.87 -1.75
CA LYS A 522 -25.29 6.04 -2.65
C LYS A 522 -25.37 7.45 -3.22
N PHE A 523 -24.29 8.22 -3.12
CA PHE A 523 -24.29 9.61 -3.54
C PHE A 523 -24.19 9.68 -5.06
N SER A 524 -25.16 10.35 -5.69
CA SER A 524 -25.30 10.35 -7.14
C SER A 524 -24.78 11.61 -7.81
N ASP A 525 -24.19 12.54 -7.05
CA ASP A 525 -23.73 13.80 -7.61
C ASP A 525 -22.22 13.95 -7.66
N GLY A 526 -21.47 13.01 -7.10
CA GLY A 526 -20.03 13.12 -7.11
C GLY A 526 -19.38 11.87 -6.56
N MET A 527 -18.06 11.96 -6.36
CA MET A 527 -17.32 10.84 -5.80
C MET A 527 -17.68 10.64 -4.33
N VAL A 528 -17.76 11.72 -3.57
CA VAL A 528 -18.13 11.66 -2.16
C VAL A 528 -18.86 12.95 -1.81
N SER A 529 -19.89 12.84 -0.98
CA SER A 529 -20.64 14.01 -0.55
C SER A 529 -19.76 14.92 0.29
N ALA A 530 -19.77 16.21 -0.04
CA ALA A 530 -18.96 17.17 0.71
C ALA A 530 -19.34 17.23 2.18
N GLU A 531 -20.55 16.78 2.53
CA GLU A 531 -20.95 16.74 3.93
C GLU A 531 -20.25 15.60 4.66
N SER A 532 -20.45 14.36 4.19
CA SER A 532 -19.85 13.20 4.86
C SER A 532 -18.33 13.20 4.74
N ALA A 533 -17.78 13.83 3.70
CA ALA A 533 -16.34 13.90 3.57
C ALA A 533 -15.72 14.72 4.69
N LYS A 534 -16.43 15.73 5.18
CA LYS A 534 -15.92 16.54 6.28
C LYS A 534 -16.16 15.88 7.63
N TYR A 535 -17.17 15.02 7.74
CA TYR A 535 -17.46 14.36 9.00
C TYR A 535 -16.46 13.25 9.29
N TRP A 536 -16.24 12.36 8.33
CA TRP A 536 -15.34 11.23 8.53
C TRP A 536 -13.87 11.62 8.37
N GLY A 537 -13.58 12.71 7.68
CA GLY A 537 -12.21 13.15 7.46
C GLY A 537 -11.37 12.11 6.74
N ALA A 538 -10.45 11.49 7.46
CA ALA A 538 -9.60 10.44 6.93
C ALA A 538 -9.87 9.13 7.66
N VAL A 539 -9.33 8.04 7.12
CA VAL A 539 -9.49 6.73 7.75
C VAL A 539 -8.65 6.70 9.02
N ASP A 540 -9.30 6.46 10.15
CA ASP A 540 -8.59 6.49 11.43
C ASP A 540 -7.63 5.30 11.56
N GLN A 541 -8.05 4.12 11.10
CA GLN A 541 -7.22 2.92 11.20
C GLN A 541 -7.34 2.11 9.91
N TYR A 542 -6.21 1.76 9.33
CA TYR A 542 -6.13 0.96 8.11
C TYR A 542 -5.36 -0.32 8.40
N ILE A 543 -5.90 -1.45 7.95
CA ILE A 543 -5.28 -2.75 8.17
C ILE A 543 -5.21 -3.49 6.84
N GLY A 544 -4.02 -3.98 6.50
CA GLY A 544 -3.83 -4.70 5.25
C GLY A 544 -2.41 -5.17 5.12
N GLY A 545 -2.19 -6.06 4.14
CA GLY A 545 -0.89 -6.65 3.96
C GLY A 545 0.15 -5.67 3.46
N ILE A 546 1.41 -5.94 3.82
CA ILE A 546 2.52 -5.06 3.44
C ILE A 546 2.87 -5.16 1.96
N GLU A 547 2.29 -6.13 1.24
CA GLU A 547 2.55 -6.25 -0.19
C GLU A 547 2.08 -5.04 -0.98
N HIS A 548 1.26 -4.18 -0.39
CA HIS A 548 0.75 -2.99 -1.05
C HIS A 548 1.53 -1.73 -0.66
N ALA A 549 2.70 -1.88 -0.04
CA ALA A 549 3.45 -0.71 0.42
C ALA A 549 3.93 0.16 -0.75
N ILE A 550 4.13 -0.43 -1.93
CA ILE A 550 4.70 0.31 -3.05
C ILE A 550 3.61 0.60 -4.07
N GLY A 551 2.58 -0.25 -4.12
CA GLY A 551 1.51 -0.15 -5.08
C GLY A 551 0.34 0.62 -4.49
N HIS A 552 -0.58 -0.10 -3.83
CA HIS A 552 -1.85 0.50 -3.41
C HIS A 552 -1.64 1.61 -2.39
N LEU A 553 -0.83 1.36 -1.37
CA LEU A 553 -0.64 2.36 -0.31
C LEU A 553 0.04 3.61 -0.83
N LEU A 554 0.69 3.55 -1.99
CA LEU A 554 1.17 4.75 -2.66
C LEU A 554 0.13 5.33 -3.61
N TYR A 555 -0.58 4.48 -4.35
CA TYR A 555 -1.63 4.95 -5.24
C TYR A 555 -2.72 5.68 -4.46
N ALA A 556 -3.04 5.20 -3.26
CA ALA A 556 -4.12 5.79 -2.48
C ALA A 556 -3.74 7.20 -2.00
N ARG A 557 -2.48 7.40 -1.60
CA ARG A 557 -2.04 8.73 -1.20
C ARG A 557 -2.01 9.69 -2.38
N PHE A 558 -1.68 9.19 -3.57
CA PHE A 558 -1.64 10.04 -4.76
C PHE A 558 -3.06 10.41 -5.20
N PHE A 559 -3.99 9.45 -5.14
CA PHE A 559 -5.38 9.75 -5.49
C PHE A 559 -6.02 10.72 -4.49
N THR A 560 -5.64 10.64 -3.22
CA THR A 560 -6.18 11.55 -2.22
C THR A 560 -5.75 12.99 -2.50
N LYS A 561 -4.49 13.18 -2.89
CA LYS A 561 -4.01 14.51 -3.21
C LYS A 561 -4.60 15.04 -4.51
N LEU A 562 -5.05 14.15 -5.40
CA LEU A 562 -5.81 14.59 -6.57
C LEU A 562 -7.21 15.05 -6.17
N MET A 563 -7.94 14.18 -5.46
CA MET A 563 -9.30 14.52 -5.05
C MET A 563 -9.33 15.75 -4.16
N ARG A 564 -8.26 15.98 -3.38
CA ARG A 564 -8.19 17.20 -2.59
C ARG A 564 -8.01 18.42 -3.46
N ASP A 565 -7.05 18.36 -4.40
CA ASP A 565 -6.80 19.48 -5.29
C ASP A 565 -7.92 19.71 -6.30
N GLU A 566 -8.93 18.84 -6.32
CA GLU A 566 -10.13 19.07 -7.11
C GLU A 566 -11.29 19.63 -6.27
N GLY A 567 -11.16 19.62 -4.95
CA GLY A 567 -12.18 20.17 -4.09
C GLY A 567 -13.20 19.20 -3.53
N LEU A 568 -13.00 17.90 -3.74
CA LEU A 568 -13.95 16.90 -3.27
C LEU A 568 -13.68 16.47 -1.84
N VAL A 569 -12.40 16.37 -1.45
CA VAL A 569 -12.01 16.09 -0.07
C VAL A 569 -11.06 17.18 0.38
N ASN A 570 -10.87 17.25 1.70
CA ASN A 570 -10.06 18.31 2.30
C ASN A 570 -8.86 17.81 3.09
N VAL A 571 -8.63 16.50 3.12
CA VAL A 571 -7.48 15.94 3.84
C VAL A 571 -6.29 15.82 2.89
N ASP A 572 -5.11 15.64 3.45
CA ASP A 572 -3.89 15.40 2.69
C ASP A 572 -3.55 13.93 2.56
N GLU A 573 -3.68 13.16 3.65
CA GLU A 573 -3.39 11.74 3.65
C GLU A 573 -4.65 10.94 3.97
N PRO A 574 -4.81 9.77 3.36
CA PRO A 574 -6.07 9.02 3.54
C PRO A 574 -6.11 8.17 4.81
N PHE A 575 -4.96 7.71 5.29
CA PHE A 575 -4.90 6.78 6.41
C PHE A 575 -4.04 7.35 7.52
N GLU A 576 -4.62 7.48 8.71
CA GLU A 576 -3.89 7.94 9.90
C GLU A 576 -2.94 6.85 10.38
N ARG A 577 -3.50 5.73 10.85
CA ARG A 577 -2.73 4.60 11.35
C ARG A 577 -2.77 3.46 10.35
N LEU A 578 -1.67 2.70 10.29
CA LEU A 578 -1.56 1.55 9.41
C LEU A 578 -1.03 0.36 10.20
N LEU A 579 -1.70 -0.78 10.06
CA LEU A 579 -1.29 -2.01 10.73
C LEU A 579 -1.15 -3.09 9.65
N THR A 580 0.09 -3.43 9.32
CA THR A 580 0.37 -4.48 8.35
C THR A 580 0.43 -5.80 9.10
N GLN A 581 -0.68 -6.55 9.07
CA GLN A 581 -0.78 -7.78 9.83
C GLN A 581 0.11 -8.86 9.22
N GLY A 582 0.64 -9.73 10.08
CA GLY A 582 1.46 -10.82 9.61
C GLY A 582 0.68 -11.83 8.80
N MET A 583 1.41 -12.58 7.98
CA MET A 583 0.79 -13.56 7.09
C MET A 583 0.56 -14.87 7.82
N VAL A 584 -0.61 -15.47 7.59
CA VAL A 584 -0.91 -16.80 8.09
C VAL A 584 -0.31 -17.82 7.12
N VAL A 585 0.38 -18.81 7.66
CA VAL A 585 1.10 -19.78 6.84
C VAL A 585 0.62 -21.19 7.17
N CYS A 586 0.80 -22.08 6.19
CA CYS A 586 0.41 -23.48 6.34
C CYS A 586 1.15 -24.31 5.30
N GLU A 587 1.24 -25.61 5.56
CA GLU A 587 1.90 -26.52 4.64
C GLU A 587 1.14 -26.59 3.31
N THR A 588 1.89 -26.82 2.23
CA THR A 588 1.32 -26.82 0.89
C THR A 588 1.75 -28.07 0.14
N TYR A 589 0.96 -28.42 -0.87
CA TYR A 589 1.21 -29.58 -1.71
C TYR A 589 0.84 -29.27 -3.15
N TYR A 590 1.66 -29.76 -4.09
CA TYR A 590 1.42 -29.56 -5.50
C TYR A 590 1.72 -30.86 -6.24
N ARG A 591 1.33 -30.89 -7.52
CA ARG A 591 1.57 -32.06 -8.36
C ARG A 591 1.85 -31.65 -9.79
N TRP A 600 -1.89 -27.78 -7.57
CA TRP A 600 -1.83 -27.57 -6.13
C TRP A 600 -2.88 -28.41 -5.41
N ILE A 601 -2.49 -29.00 -4.28
CA ILE A 601 -3.37 -29.85 -3.49
C ILE A 601 -3.63 -29.17 -2.15
N ASN A 602 -4.83 -29.39 -1.62
CA ASN A 602 -5.27 -28.83 -0.35
C ASN A 602 -4.98 -29.80 0.79
N PRO A 603 -4.58 -29.29 1.95
CA PRO A 603 -4.25 -30.21 3.07
C PRO A 603 -5.40 -31.11 3.49
N ALA A 604 -6.63 -30.59 3.55
CA ALA A 604 -7.77 -31.38 4.00
C ALA A 604 -8.23 -32.42 2.99
N ASP A 605 -7.52 -32.64 1.88
CA ASP A 605 -7.94 -33.62 0.89
C ASP A 605 -6.83 -34.63 0.61
N VAL A 628 0.84 -36.40 -3.30
CA VAL A 628 1.47 -35.32 -4.05
C VAL A 628 2.74 -34.87 -3.35
N VAL A 629 3.35 -33.81 -3.87
CA VAL A 629 4.60 -33.29 -3.32
C VAL A 629 4.30 -32.52 -2.03
N ILE A 630 5.35 -32.12 -1.33
CA ILE A 630 5.23 -31.32 -0.10
C ILE A 630 6.00 -30.03 -0.32
N SER A 631 5.26 -28.94 -0.53
CA SER A 631 5.90 -27.65 -0.81
C SER A 631 6.43 -26.96 0.44
N GLY A 632 6.00 -27.39 1.62
CA GLY A 632 6.45 -26.78 2.86
C GLY A 632 5.55 -25.65 3.31
N THR A 633 5.95 -25.05 4.44
CA THR A 633 5.18 -23.95 5.02
C THR A 633 5.23 -22.73 4.09
N GLU A 634 4.06 -22.29 3.64
CA GLU A 634 3.95 -21.18 2.70
C GLU A 634 2.80 -20.29 3.12
N LYS A 635 2.76 -19.10 2.54
CA LYS A 635 1.65 -18.18 2.78
C LYS A 635 0.32 -18.83 2.39
N MET A 636 -0.67 -18.69 3.26
CA MET A 636 -2.01 -19.18 2.97
C MET A 636 -2.59 -18.38 1.80
N SER A 637 -2.63 -19.00 0.62
CA SER A 637 -3.07 -18.31 -0.58
C SER A 637 -3.80 -19.27 -1.49
N LYS A 638 -4.74 -18.72 -2.27
CA LYS A 638 -5.46 -19.54 -3.25
C LYS A 638 -4.53 -20.03 -4.35
N SER A 639 -3.48 -19.27 -4.67
CA SER A 639 -2.51 -19.66 -5.68
C SER A 639 -1.61 -20.81 -5.24
N LYS A 640 -1.82 -21.35 -4.04
CA LYS A 640 -1.12 -22.54 -3.58
C LYS A 640 -2.04 -23.60 -3.00
N ASN A 641 -3.33 -23.32 -2.86
CA ASN A 641 -4.32 -24.27 -2.34
C ASN A 641 -3.91 -24.80 -0.97
N ASN A 642 -3.61 -23.88 -0.06
CA ASN A 642 -3.33 -24.21 1.33
C ASN A 642 -4.18 -23.37 2.26
N GLY A 643 -5.39 -23.02 1.81
CA GLY A 643 -6.27 -22.14 2.56
C GLY A 643 -7.32 -22.90 3.32
N VAL A 644 -7.36 -22.68 4.63
CA VAL A 644 -8.41 -23.23 5.47
C VAL A 644 -9.63 -22.34 5.37
N ASP A 645 -10.76 -22.91 4.93
CA ASP A 645 -11.96 -22.13 4.74
C ASP A 645 -12.56 -21.75 6.10
N PRO A 646 -12.94 -20.49 6.31
CA PRO A 646 -13.55 -20.13 7.59
C PRO A 646 -14.86 -20.83 7.86
N GLN A 647 -15.66 -21.10 6.83
CA GLN A 647 -16.96 -21.73 7.04
C GLN A 647 -16.82 -23.15 7.55
N GLU A 648 -15.78 -23.88 7.11
CA GLU A 648 -15.57 -25.23 7.61
C GLU A 648 -15.23 -25.25 9.09
N LEU A 649 -14.62 -24.16 9.59
CA LEU A 649 -14.27 -24.11 11.00
C LEU A 649 -15.44 -23.68 11.86
N ILE A 650 -16.25 -22.71 11.38
CA ILE A 650 -17.43 -22.30 12.13
C ILE A 650 -18.42 -23.46 12.25
N ASN A 651 -18.52 -24.27 11.20
CA ASN A 651 -19.38 -25.45 11.27
C ASN A 651 -18.86 -26.45 12.29
N ALA A 652 -17.54 -26.47 12.54
CA ALA A 652 -16.93 -27.46 13.40
C ALA A 652 -16.49 -26.92 14.75
N TYR A 653 -16.46 -25.59 14.94
CA TYR A 653 -16.03 -25.04 16.22
C TYR A 653 -16.78 -23.76 16.55
N GLY A 654 -17.16 -23.00 15.53
CA GLY A 654 -17.82 -21.72 15.73
C GLY A 654 -16.91 -20.55 15.38
N ALA A 655 -17.54 -19.39 15.19
CA ALA A 655 -16.78 -18.20 14.80
C ALA A 655 -15.87 -17.73 15.93
N ASP A 656 -16.34 -17.82 17.17
CA ASP A 656 -15.53 -17.36 18.30
C ASP A 656 -14.22 -18.13 18.39
N THR A 657 -14.26 -19.43 18.11
CA THR A 657 -13.03 -20.23 18.17
C THR A 657 -12.03 -19.80 17.11
N ALA A 658 -12.51 -19.60 15.88
CA ALA A 658 -11.61 -19.19 14.80
C ALA A 658 -11.02 -17.81 15.07
N ARG A 659 -11.84 -16.87 15.53
CA ARG A 659 -11.34 -15.52 15.80
C ARG A 659 -10.37 -15.51 16.98
N LEU A 660 -10.62 -16.34 17.99
CA LEU A 660 -9.74 -16.37 19.15
C LEU A 660 -8.37 -16.93 18.79
N PHE A 661 -8.33 -17.97 17.94
CA PHE A 661 -7.05 -18.55 17.55
C PHE A 661 -6.22 -17.55 16.77
N MET A 662 -6.86 -16.75 15.90
CA MET A 662 -6.11 -15.78 15.10
C MET A 662 -5.51 -14.69 15.99
N MET A 663 -6.25 -14.24 17.00
CA MET A 663 -5.80 -13.13 17.83
C MET A 663 -4.84 -13.57 18.93
N PHE A 664 -4.82 -14.84 19.28
CA PHE A 664 -4.03 -15.33 20.40
C PHE A 664 -2.73 -16.01 20.00
N ALA A 665 -2.66 -16.57 18.79
CA ALA A 665 -1.51 -17.36 18.41
C ALA A 665 -0.24 -16.52 18.30
N ALA A 666 -0.37 -15.25 17.97
CA ALA A 666 0.77 -14.37 17.77
C ALA A 666 0.30 -12.93 17.79
N PRO A 667 1.20 -11.97 17.99
CA PRO A 667 0.84 -10.56 17.79
C PRO A 667 0.39 -10.32 16.37
N PRO A 668 -0.42 -9.28 16.13
CA PRO A 668 -0.99 -9.10 14.79
C PRO A 668 0.04 -8.93 13.68
N GLU A 669 1.20 -8.36 13.98
CA GLU A 669 2.20 -8.15 12.94
C GLU A 669 3.06 -9.38 12.66
N GLN A 670 3.09 -10.34 13.58
CA GLN A 670 3.96 -11.50 13.43
C GLN A 670 3.31 -12.55 12.53
N SER A 671 4.15 -13.33 11.87
CA SER A 671 3.68 -14.45 11.07
C SER A 671 3.01 -15.48 11.96
N LEU A 672 1.97 -16.13 11.44
CA LEU A 672 1.16 -17.06 12.21
C LEU A 672 1.10 -18.39 11.50
N GLU A 673 1.59 -19.44 12.15
CA GLU A 673 1.52 -20.79 11.61
C GLU A 673 0.21 -21.44 12.02
N TRP A 674 -0.49 -22.02 11.05
CA TRP A 674 -1.75 -22.68 11.34
C TRP A 674 -1.51 -23.96 12.14
N SER A 675 -2.23 -24.11 13.24
CA SER A 675 -2.09 -25.26 14.13
C SER A 675 -3.46 -25.74 14.56
N ASP A 676 -3.71 -27.04 14.41
CA ASP A 676 -4.99 -27.59 14.83
C ASP A 676 -5.10 -27.66 16.34
N SER A 677 -3.98 -27.93 17.03
CA SER A 677 -3.99 -27.84 18.49
C SER A 677 -4.23 -26.41 18.95
N GLY A 678 -3.76 -25.42 18.18
CA GLY A 678 -4.09 -24.04 18.48
C GLY A 678 -5.57 -23.74 18.31
N VAL A 679 -6.22 -24.42 17.37
CA VAL A 679 -7.67 -24.29 17.24
C VAL A 679 -8.37 -25.00 18.39
N GLU A 680 -7.88 -26.19 18.76
CA GLU A 680 -8.50 -26.94 19.85
C GLU A 680 -8.33 -26.21 21.19
N GLY A 681 -7.15 -25.68 21.45
CA GLY A 681 -6.91 -24.99 22.72
C GLY A 681 -7.76 -23.74 22.86
N ALA A 682 -7.96 -23.01 21.75
CA ALA A 682 -8.82 -21.83 21.79
C ALA A 682 -10.26 -22.21 22.09
N HIS A 683 -10.71 -23.37 21.60
CA HIS A 683 -12.06 -23.82 21.91
C HIS A 683 -12.19 -24.25 23.37
N ARG A 684 -11.15 -24.88 23.91
CA ARG A 684 -11.20 -25.32 25.31
C ARG A 684 -11.32 -24.13 26.25
N PHE A 685 -10.70 -23.00 25.91
CA PHE A 685 -10.83 -21.82 26.76
C PHE A 685 -12.23 -21.24 26.69
N LEU A 686 -12.82 -21.19 25.49
CA LEU A 686 -14.19 -20.71 25.37
C LEU A 686 -15.16 -21.62 26.09
N ARG A 687 -14.82 -22.91 26.21
CA ARG A 687 -15.58 -23.80 27.10
C ARG A 687 -15.36 -23.43 28.56
N ARG A 688 -14.11 -23.14 28.93
CA ARG A 688 -13.81 -22.73 30.30
C ARG A 688 -14.56 -21.47 30.67
N LEU A 689 -14.57 -20.47 29.78
CA LEU A 689 -15.30 -19.24 30.03
C LEU A 689 -16.79 -19.51 30.18
N TRP A 690 -17.33 -20.42 29.36
CA TRP A 690 -18.75 -20.76 29.45
C TRP A 690 -19.04 -21.51 30.74
N ARG A 691 -18.23 -22.54 31.04
CA ARG A 691 -18.44 -23.33 32.26
C ARG A 691 -18.21 -22.49 33.51
N THR A 692 -17.33 -21.48 33.44
CA THR A 692 -17.10 -20.62 34.59
C THR A 692 -18.37 -19.84 34.94
N VAL A 693 -19.06 -19.28 33.94
CA VAL A 693 -20.26 -18.52 34.21
C VAL A 693 -21.41 -19.43 34.60
N TYR A 694 -21.46 -20.65 34.06
CA TYR A 694 -22.53 -21.58 34.39
C TYR A 694 -22.50 -21.96 35.86
N GLU A 695 -21.34 -22.43 36.35
CA GLU A 695 -21.23 -22.84 37.75
C GLU A 695 -21.45 -21.66 38.69
N TYR A 696 -21.07 -20.45 38.27
CA TYR A 696 -21.33 -19.27 39.10
C TYR A 696 -22.82 -19.02 39.25
N LEU A 697 -23.56 -19.05 38.12
CA LEU A 697 -25.00 -18.84 38.19
C LEU A 697 -25.72 -20.01 38.84
N LYS A 698 -25.18 -21.22 38.70
CA LYS A 698 -25.77 -22.41 39.30
C LYS A 698 -25.51 -22.50 40.79
N GLN A 699 -24.89 -21.48 41.40
CA GLN A 699 -24.57 -21.50 42.82
C GLN A 699 -25.06 -20.24 43.52
N GLY A 700 -26.14 -19.63 43.03
CA GLY A 700 -26.69 -18.48 43.70
C GLY A 700 -27.44 -17.51 42.80
N GLY A 701 -27.14 -17.51 41.51
CA GLY A 701 -27.77 -16.60 40.58
C GLY A 701 -27.07 -15.25 40.54
N ALA A 702 -27.54 -14.42 39.60
CA ALA A 702 -26.92 -13.13 39.37
C ALA A 702 -27.16 -12.19 40.55
N VAL A 703 -26.09 -11.56 41.04
CA VAL A 703 -26.17 -10.58 42.11
C VAL A 703 -25.67 -9.25 41.58
N LYS A 704 -25.72 -8.21 42.40
CA LYS A 704 -25.17 -6.91 42.01
C LYS A 704 -23.66 -6.97 42.07
N ALA A 705 -23.01 -6.53 40.99
CA ALA A 705 -21.55 -6.52 40.94
C ALA A 705 -20.99 -5.59 42.00
N PHE A 706 -19.86 -5.99 42.59
CA PHE A 706 -19.24 -5.18 43.63
C PHE A 706 -18.81 -3.83 43.07
N ALA A 707 -18.94 -2.79 43.90
CA ALA A 707 -18.56 -1.45 43.51
C ALA A 707 -18.33 -0.62 44.77
N GLY A 708 -17.65 0.50 44.61
CA GLY A 708 -17.40 1.41 45.71
C GLY A 708 -16.19 1.04 46.53
N ASN A 709 -16.18 1.54 47.76
CA ASN A 709 -15.07 1.30 48.67
C ASN A 709 -14.98 -0.17 49.03
N GLN A 710 -13.75 -0.68 49.11
CA GLN A 710 -13.50 -2.11 49.32
C GLN A 710 -12.91 -2.41 50.70
N ASP A 711 -12.95 -1.46 51.62
CA ASP A 711 -12.57 -1.75 52.99
C ASP A 711 -13.59 -2.68 53.64
N GLY A 712 -13.10 -3.67 54.37
CA GLY A 712 -13.91 -4.73 54.90
C GLY A 712 -13.83 -6.02 54.10
N LEU A 713 -13.51 -5.92 52.81
CA LEU A 713 -13.25 -7.11 52.00
C LEU A 713 -12.08 -7.89 52.57
N SER A 714 -12.12 -9.20 52.39
CA SER A 714 -10.99 -10.03 52.78
C SER A 714 -9.81 -9.77 51.83
N LYS A 715 -8.64 -10.23 52.25
CA LYS A 715 -7.43 -10.01 51.44
C LYS A 715 -7.51 -10.76 50.12
N GLU A 716 -7.99 -12.02 50.15
CA GLU A 716 -8.09 -12.80 48.92
C GLU A 716 -9.06 -12.18 47.93
N LEU A 717 -10.05 -11.43 48.42
CA LEU A 717 -10.95 -10.69 47.55
C LEU A 717 -10.40 -9.32 47.18
N LYS A 718 -9.68 -8.68 48.10
CA LYS A 718 -8.96 -7.45 47.75
C LYS A 718 -7.91 -7.73 46.69
N ASP A 719 -7.27 -8.90 46.76
CA ASP A 719 -6.28 -9.26 45.75
C ASP A 719 -6.94 -9.54 44.41
N LEU A 720 -8.13 -10.14 44.42
CA LEU A 720 -8.81 -10.44 43.17
C LEU A 720 -9.28 -9.18 42.47
N ARG A 721 -9.79 -8.20 43.23
CA ARG A 721 -10.14 -6.92 42.64
C ARG A 721 -8.89 -6.19 42.15
N HIS A 722 -7.75 -6.41 42.79
CA HIS A 722 -6.50 -5.83 42.31
C HIS A 722 -6.11 -6.41 40.96
N LYS A 723 -6.17 -7.74 40.84
CA LYS A 723 -5.88 -8.38 39.56
C LYS A 723 -6.91 -8.00 38.51
N LEU A 724 -8.16 -7.79 38.91
CA LEU A 724 -9.21 -7.41 37.97
C LEU A 724 -8.87 -6.09 37.29
N HIS A 725 -8.70 -5.03 38.07
CA HIS A 725 -8.51 -3.71 37.52
C HIS A 725 -7.10 -3.51 36.95
N SER A 726 -6.14 -4.30 37.38
CA SER A 726 -4.87 -4.36 36.66
C SER A 726 -5.05 -4.99 35.29
N THR A 727 -5.95 -5.97 35.18
CA THR A 727 -6.23 -6.57 33.88
C THR A 727 -7.03 -5.64 32.99
N THR A 728 -8.02 -4.94 33.57
CA THR A 728 -8.79 -3.97 32.80
C THR A 728 -7.89 -2.88 32.21
N ALA A 729 -6.94 -2.39 33.00
CA ALA A 729 -6.01 -1.39 32.51
C ALA A 729 -5.04 -2.00 31.49
N LYS A 730 -4.57 -3.22 31.75
CA LYS A 730 -3.64 -3.86 30.83
C LYS A 730 -4.30 -4.19 29.50
N VAL A 731 -5.56 -4.65 29.54
CA VAL A 731 -6.27 -4.95 28.29
C VAL A 731 -6.61 -3.68 27.53
N SER A 732 -7.07 -2.65 28.25
CA SER A 732 -7.37 -1.37 27.60
C SER A 732 -6.14 -0.77 26.96
N ASP A 733 -4.95 -1.06 27.51
CA ASP A 733 -3.71 -0.55 26.94
C ASP A 733 -3.22 -1.43 25.80
N ASP A 734 -3.44 -2.74 25.88
CA ASP A 734 -3.01 -3.64 24.81
C ASP A 734 -3.90 -3.53 23.58
N TYR A 735 -5.15 -3.09 23.74
CA TYR A 735 -6.04 -2.91 22.60
C TYR A 735 -5.74 -1.60 21.85
N GLY A 736 -5.81 -0.48 22.56
CA GLY A 736 -5.79 0.83 21.94
C GLY A 736 -4.48 1.58 21.94
N ARG A 737 -3.38 0.98 22.42
CA ARG A 737 -2.09 1.63 22.35
C ARG A 737 -1.05 0.70 21.73
N ARG A 738 -0.79 -0.41 22.41
CA ARG A 738 0.16 -1.39 21.88
C ARG A 738 -0.40 -2.18 20.71
N GLN A 739 -1.73 -2.27 20.60
CA GLN A 739 -2.39 -3.11 19.59
C GLN A 739 -1.83 -4.53 19.64
N GLN A 740 -1.82 -5.10 20.84
CA GLN A 740 -1.27 -6.41 21.14
C GLN A 740 -2.39 -7.27 21.70
N PHE A 741 -3.15 -7.91 20.80
CA PHE A 741 -4.35 -8.63 21.21
C PHE A 741 -4.02 -9.93 21.93
N ASN A 742 -2.94 -10.61 21.54
CA ASN A 742 -2.61 -11.91 22.13
C ASN A 742 -2.30 -11.78 23.62
N THR A 743 -1.55 -10.73 24.00
CA THR A 743 -1.23 -10.52 25.40
C THR A 743 -2.43 -9.98 26.18
N ALA A 744 -3.41 -9.39 25.50
CA ALA A 744 -4.63 -8.98 26.18
C ALA A 744 -5.49 -10.19 26.53
N ILE A 745 -5.51 -11.20 25.65
CA ILE A 745 -6.21 -12.44 25.96
C ILE A 745 -5.51 -13.17 27.09
N ALA A 746 -4.17 -13.18 27.09
CA ALA A 746 -3.43 -13.82 28.16
C ALA A 746 -3.67 -13.13 29.50
N ALA A 747 -3.84 -11.81 29.49
CA ALA A 747 -4.09 -11.09 30.73
C ALA A 747 -5.44 -11.48 31.33
N VAL A 748 -6.46 -11.64 30.47
CA VAL A 748 -7.77 -12.07 30.96
C VAL A 748 -7.70 -13.50 31.48
N MET A 749 -6.85 -14.34 30.88
CA MET A 749 -6.72 -15.71 31.35
C MET A 749 -6.10 -15.77 32.74
N GLU A 750 -5.10 -14.91 33.01
CA GLU A 750 -4.52 -14.85 34.34
C GLU A 750 -5.54 -14.37 35.37
N LEU A 751 -6.44 -13.46 34.96
CA LEU A 751 -7.51 -13.04 35.86
C LEU A 751 -8.43 -14.20 36.20
N LEU A 752 -8.73 -15.06 35.23
CA LEU A 752 -9.56 -16.23 35.50
C LEU A 752 -8.81 -17.27 36.31
N ASN A 753 -7.49 -17.34 36.15
CA ASN A 753 -6.70 -18.24 36.98
C ASN A 753 -6.78 -17.84 38.46
N GLN A 754 -6.74 -16.54 38.73
CA GLN A 754 -6.83 -16.08 40.11
C GLN A 754 -8.25 -16.17 40.64
N TYR A 755 -9.25 -15.99 39.77
CA TYR A 755 -10.64 -16.19 40.19
C TYR A 755 -10.88 -17.63 40.63
N ASP A 756 -10.33 -18.60 39.87
CA ASP A 756 -10.51 -20.00 40.24
C ASP A 756 -9.79 -20.33 41.52
N LYS A 757 -8.67 -19.67 41.81
CA LYS A 757 -7.92 -19.91 43.03
C LYS A 757 -8.47 -19.16 44.23
N THR A 758 -9.41 -18.24 44.02
CA THR A 758 -9.98 -17.44 45.09
C THR A 758 -11.34 -17.99 45.50
N ASP A 759 -11.55 -18.13 46.80
CA ASP A 759 -12.84 -18.56 47.33
C ASP A 759 -13.82 -17.40 47.26
N THR A 760 -14.89 -17.55 46.48
CA THR A 760 -15.87 -16.49 46.27
C THR A 760 -17.28 -16.92 46.64
N GLY A 761 -17.41 -17.91 47.51
CA GLY A 761 -18.73 -18.40 47.90
C GLY A 761 -19.46 -17.57 48.92
N SER A 762 -18.78 -16.63 49.57
CA SER A 762 -19.42 -15.80 50.59
C SER A 762 -20.33 -14.76 49.94
N GLU A 763 -21.03 -14.00 50.78
CA GLU A 763 -21.93 -12.98 50.28
C GLU A 763 -21.17 -11.87 49.56
N GLN A 764 -20.01 -11.48 50.09
CA GLN A 764 -19.18 -10.49 49.41
C GLN A 764 -18.32 -11.12 48.32
N GLY A 765 -18.02 -12.41 48.44
CA GLY A 765 -17.29 -13.08 47.38
C GLY A 765 -18.08 -13.18 46.09
N ARG A 766 -19.39 -13.39 46.20
CA ARG A 766 -20.23 -13.42 45.02
C ARG A 766 -20.28 -12.05 44.34
N ALA A 767 -20.30 -10.98 45.13
CA ALA A 767 -20.31 -9.64 44.55
C ALA A 767 -19.02 -9.37 43.78
N VAL A 768 -17.88 -9.75 44.35
CA VAL A 768 -16.61 -9.63 43.64
C VAL A 768 -16.58 -10.59 42.45
N ALA A 769 -17.14 -11.79 42.63
CA ALA A 769 -17.22 -12.74 41.52
C ALA A 769 -18.09 -12.19 40.39
N GLN A 770 -19.17 -11.49 40.74
CA GLN A 770 -19.98 -10.84 39.72
C GLN A 770 -19.19 -9.74 39.00
N GLU A 771 -18.31 -9.05 39.74
CA GLU A 771 -17.53 -7.97 39.13
C GLU A 771 -16.46 -8.53 38.19
N VAL A 772 -15.83 -9.65 38.58
CA VAL A 772 -14.78 -10.24 37.75
C VAL A 772 -15.35 -10.72 36.42
N LEU A 773 -16.52 -11.35 36.44
CA LEU A 773 -17.09 -11.91 35.22
C LEU A 773 -17.69 -10.83 34.34
N GLU A 774 -18.33 -9.82 34.93
CA GLU A 774 -18.83 -8.70 34.13
C GLU A 774 -17.69 -7.99 33.41
N ALA A 775 -16.51 -7.93 34.02
CA ALA A 775 -15.37 -7.34 33.35
C ALA A 775 -14.83 -8.26 32.26
N ALA A 776 -14.70 -9.55 32.56
CA ALA A 776 -14.08 -10.47 31.61
C ALA A 776 -14.88 -10.55 30.31
N VAL A 777 -16.20 -10.67 30.40
CA VAL A 777 -17.01 -10.80 29.20
C VAL A 777 -17.04 -9.50 28.40
N ARG A 778 -16.73 -8.38 29.02
CA ARG A 778 -16.63 -7.12 28.29
C ARG A 778 -15.23 -6.88 27.73
N LEU A 779 -14.19 -7.40 28.41
CA LEU A 779 -12.84 -7.26 27.89
C LEU A 779 -12.61 -8.15 26.69
N LEU A 780 -13.20 -9.35 26.69
CA LEU A 780 -13.05 -10.29 25.59
C LEU A 780 -14.09 -10.09 24.49
N TRP A 781 -15.05 -9.19 24.70
CA TRP A 781 -16.11 -9.00 23.70
C TRP A 781 -15.58 -8.62 22.32
N PRO A 782 -14.59 -7.73 22.16
CA PRO A 782 -14.07 -7.48 20.80
C PRO A 782 -13.46 -8.70 20.16
N ILE A 783 -12.79 -9.57 20.93
CA ILE A 783 -12.20 -10.77 20.35
C ILE A 783 -13.28 -11.79 20.02
N VAL A 784 -14.19 -12.03 20.97
CA VAL A 784 -15.23 -13.05 20.81
C VAL A 784 -16.57 -12.47 21.23
N PRO A 785 -17.30 -11.81 20.33
CA PRO A 785 -18.52 -11.10 20.74
C PRO A 785 -19.73 -12.00 20.90
N HIS A 786 -19.77 -13.14 20.20
CA HIS A 786 -20.93 -14.01 20.27
C HIS A 786 -21.09 -14.61 21.66
N ILE A 787 -20.01 -15.22 22.18
CA ILE A 787 -20.10 -15.86 23.49
C ILE A 787 -20.16 -14.82 24.60
N CYS A 788 -19.56 -13.65 24.40
CA CYS A 788 -19.56 -12.63 25.43
C CYS A 788 -20.91 -11.93 25.54
N GLU A 789 -21.58 -11.72 24.40
CA GLU A 789 -22.92 -11.15 24.43
C GLU A 789 -23.91 -12.09 25.12
N THR A 790 -23.76 -13.39 24.86
CA THR A 790 -24.66 -14.37 25.48
C THR A 790 -24.44 -14.44 26.98
N LEU A 791 -23.18 -14.54 27.41
CA LEU A 791 -22.89 -14.65 28.84
C LEU A 791 -23.18 -13.36 29.58
N TRP A 792 -23.09 -12.21 28.90
CA TRP A 792 -23.37 -10.94 29.58
C TRP A 792 -24.83 -10.84 29.97
N SER A 793 -25.74 -11.21 29.07
CA SER A 793 -27.16 -11.17 29.39
C SER A 793 -27.56 -12.22 30.42
N GLU A 794 -26.78 -13.30 30.55
CA GLU A 794 -27.02 -14.26 31.62
C GLU A 794 -26.54 -13.73 32.97
N LEU A 795 -25.70 -12.69 32.97
CA LEU A 795 -25.19 -12.07 34.18
C LEU A 795 -25.86 -10.75 34.49
N ASN A 796 -26.16 -9.94 33.47
CA ASN A 796 -26.65 -8.58 33.66
C ASN A 796 -27.70 -8.30 32.60
N GLY A 797 -28.88 -7.83 33.04
CA GLY A 797 -29.99 -7.62 32.13
C GLY A 797 -29.80 -6.47 31.16
N ALA A 798 -28.87 -5.58 31.43
CA ALA A 798 -28.67 -4.43 30.56
C ALA A 798 -28.04 -4.86 29.24
N LYS A 799 -28.11 -3.96 28.26
CA LYS A 799 -27.44 -4.18 26.99
C LYS A 799 -25.95 -3.91 27.13
N LEU A 800 -25.14 -4.78 26.51
CA LEU A 800 -23.70 -4.77 26.78
C LEU A 800 -23.07 -3.45 26.35
N TRP A 801 -23.37 -3.00 25.13
CA TRP A 801 -22.71 -1.80 24.62
C TRP A 801 -23.10 -0.54 25.38
N GLU A 802 -24.24 -0.56 26.09
CA GLU A 802 -24.59 0.57 26.94
C GLU A 802 -23.89 0.51 28.29
N ALA A 803 -23.52 -0.70 28.74
CA ALA A 803 -22.67 -0.80 29.93
C ALA A 803 -21.26 -0.30 29.63
N GLY A 804 -20.80 -0.46 28.40
CA GLY A 804 -19.55 0.15 27.97
C GLY A 804 -18.31 -0.62 28.35
N TRP A 805 -17.18 0.00 28.06
CA TRP A 805 -15.89 -0.58 28.39
C TRP A 805 -15.67 -0.56 29.90
N PRO A 806 -15.09 -1.62 30.47
CA PRO A 806 -14.87 -1.63 31.92
C PRO A 806 -13.90 -0.54 32.34
N THR A 807 -14.24 0.13 33.45
CA THR A 807 -13.40 1.18 33.99
C THR A 807 -12.49 0.61 35.07
N VAL A 808 -11.36 1.28 35.28
CA VAL A 808 -10.38 0.87 36.27
C VAL A 808 -10.68 1.62 37.57
N ASP A 809 -11.12 0.89 38.59
CA ASP A 809 -11.28 1.44 39.93
C ASP A 809 -9.90 1.52 40.56
N GLU A 810 -9.30 2.72 40.54
CA GLU A 810 -7.94 2.88 41.04
C GLU A 810 -7.84 2.64 42.54
N ALA A 811 -8.96 2.73 43.27
CA ALA A 811 -8.93 2.41 44.70
C ALA A 811 -8.59 0.94 44.92
N ALA A 812 -8.98 0.06 44.00
CA ALA A 812 -8.66 -1.36 44.09
C ALA A 812 -7.21 -1.66 43.73
N LEU A 813 -6.43 -0.65 43.31
CA LEU A 813 -5.06 -0.87 42.91
C LEU A 813 -4.06 -0.61 44.04
N VAL A 814 -4.43 0.23 45.02
CA VAL A 814 -3.51 0.54 46.11
C VAL A 814 -3.20 -0.72 46.91
N LYS A 815 -1.95 -0.83 47.36
CA LYS A 815 -1.50 -2.03 48.05
C LYS A 815 -1.88 -2.00 49.52
N SER A 816 -1.93 -3.19 50.11
CA SER A 816 -2.26 -3.34 51.52
C SER A 816 -1.01 -3.61 52.36
C2 USB B . -2.89 -12.60 6.29
C4 USB B . -3.80 -12.15 4.33
C5 USB B . -3.45 -13.39 3.82
C6 USB B . -2.75 -14.27 4.68
C8 USB B . -4.46 -12.37 2.25
N USB B . -8.11 -6.22 -2.88
CA USB B . -6.73 -6.07 -2.39
C USB B . -6.18 -7.33 -1.72
O USB B . -5.05 -7.42 -1.35
CB USB B . -6.68 -4.90 -1.40
CG USB B . -6.82 -3.54 -2.09
CD1 USB B . -6.86 -2.41 -1.08
CD2 USB B . -5.69 -3.33 -3.09
C1' USB B . -4.97 -10.14 3.34
C2' USB B . -4.35 -9.19 2.31
C3' USB B . -5.44 -8.15 2.16
C4' USB B . -6.73 -8.94 2.40
C5' USB B . -7.56 -9.21 1.17
N1 USB B . -2.49 -13.84 5.93
N3 USB B . -3.55 -11.70 5.56
N6 USB B . -2.34 -15.49 4.33
N7 USB B . -3.87 -13.52 2.50
N9 USB B . -4.45 -11.49 3.31
O1P USB B . -5.88 -10.49 -1.99
O2' USB B . -3.14 -8.65 2.82
O2P USB B . -8.40 -10.44 -1.63
O3' USB B . -5.30 -7.09 3.11
O4' USB B . -6.34 -10.18 3.02
O5' USB B . -6.79 -10.02 0.26
OPP USB B . -7.04 -8.33 -1.58
P USB B . -7.05 -9.92 -1.31
ZN ZN C . -15.15 14.87 -33.84
MG MG D . 0.38 14.94 13.09
#